data_9FPX
#
_entry.id   9FPX
#
_cell.length_a   132.048
_cell.length_b   132.048
_cell.length_c   91.787
_cell.angle_alpha   90.000
_cell.angle_beta   90.000
_cell.angle_gamma   120.000
#
_symmetry.space_group_name_H-M   'P 63'
#
loop_
_entity.id
_entity.type
_entity.pdbx_description
1 polymer 'Dual specificity tyrosine-phosphorylation-regulated kinase 1A'
2 non-polymer curcumin
3 non-polymer 'TETRAETHYLENE GLYCOL'
4 water water
#
_entity_poly.entity_id   1
_entity_poly.type   'polypeptide(L)'
_entity_poly.pdbx_seq_one_letter_code
;MDSSHKKERKVYNDGYDDDNYDYIVKNGEKWMDRYEIDSLIGKGSFGQVVKAYDRVEQEWVAIKIIKNKKAFLNQAQIEV
RLLELMNKHDTEMKYYIVHLKRHFMFRNHLCLVFEMLSYNLYDLLRNTNFRGVSLNLTRKFAQQMCTALLFLATPELSII
HCDLKPENILLCNPKRSAIKIVDFGSSCQLGQRIYQ(PTR)IQSRFYRSPEVLLGMPYDLAIDMWSLGCILVEMHTGEPL
FSGANEVDQMNKIVEVLGIPPAHILDQAPKARKFFEKLPDGTWNLKKTKDGKREYKPPGTRKLHNILGVETGGPGGRRAG
ESGHTVADYLKFKDLILRMLDYDPKTRIQPYYALQHSFFKKTADEGTNTHHHHHH
;
_entity_poly.pdbx_strand_id   A,B
#
loop_
_chem_comp.id
_chem_comp.type
_chem_comp.name
_chem_comp.formula
CC9 non-polymer curcumin 'C21 H20 O6'
PG4 non-polymer 'TETRAETHYLENE GLYCOL' 'C8 H18 O5'
#
# COMPACT_ATOMS: atom_id res chain seq x y z
N TYR A 12 29.35 -17.08 -23.92
CA TYR A 12 29.84 -16.47 -22.68
C TYR A 12 30.48 -17.50 -21.76
N ASN A 13 31.78 -17.34 -21.51
CA ASN A 13 32.54 -18.22 -20.61
C ASN A 13 32.45 -19.68 -21.05
N ASP A 14 32.80 -19.91 -22.32
CA ASP A 14 32.81 -21.26 -22.91
C ASP A 14 31.45 -21.95 -22.79
N GLY A 15 30.38 -21.16 -22.77
CA GLY A 15 29.04 -21.71 -22.69
C GLY A 15 28.53 -22.01 -21.30
N TYR A 16 29.30 -21.69 -20.26
CA TYR A 16 28.85 -21.93 -18.89
C TYR A 16 28.10 -20.74 -18.32
N ASP A 17 28.54 -19.52 -18.62
CA ASP A 17 27.82 -18.32 -18.23
C ASP A 17 26.82 -17.94 -19.33
N ASP A 18 26.26 -16.75 -19.23
CA ASP A 18 25.35 -16.23 -20.24
C ASP A 18 25.29 -14.71 -20.10
N ASP A 19 24.24 -14.09 -20.63
CA ASP A 19 24.01 -12.69 -20.36
C ASP A 19 23.61 -12.52 -18.90
N ASN A 20 24.05 -11.41 -18.30
CA ASN A 20 24.02 -11.11 -16.86
C ASN A 20 25.11 -11.88 -16.12
N TYR A 21 26.05 -12.51 -16.84
CA TYR A 21 27.21 -13.16 -16.22
C TYR A 21 26.80 -14.24 -15.23
N ASP A 22 25.73 -14.96 -15.54
CA ASP A 22 25.19 -15.99 -14.66
C ASP A 22 25.55 -17.37 -15.18
N TYR A 23 26.03 -18.23 -14.29
CA TYR A 23 26.29 -19.62 -14.63
C TYR A 23 24.98 -20.32 -14.97
N ILE A 24 24.92 -20.95 -16.15
CA ILE A 24 23.73 -21.69 -16.54
C ILE A 24 23.65 -22.94 -15.70
N VAL A 25 22.60 -23.03 -14.87
CA VAL A 25 22.44 -24.13 -13.93
C VAL A 25 21.75 -25.28 -14.64
N LYS A 26 22.48 -26.38 -14.83
CA LYS A 26 21.93 -27.60 -15.40
C LYS A 26 21.67 -28.58 -14.26
N ASN A 27 20.39 -28.87 -14.02
CA ASN A 27 19.99 -29.75 -12.93
C ASN A 27 20.56 -31.15 -13.10
N GLY A 28 21.47 -31.54 -12.21
CA GLY A 28 22.12 -32.83 -12.26
C GLY A 28 23.63 -32.77 -12.39
N GLU A 29 24.18 -31.61 -12.79
CA GLU A 29 25.61 -31.49 -12.98
C GLU A 29 26.35 -31.68 -11.67
N LYS A 30 27.56 -32.24 -11.76
CA LYS A 30 28.43 -32.46 -10.63
C LYS A 30 29.62 -31.51 -10.67
N TRP A 31 30.04 -31.04 -9.50
CA TRP A 31 31.14 -30.10 -9.37
C TRP A 31 32.25 -30.72 -8.54
N MET A 32 33.47 -30.70 -9.08
CA MET A 32 34.68 -31.12 -8.37
C MET A 32 34.51 -32.49 -7.72
N ASP A 33 33.71 -33.35 -8.34
CA ASP A 33 33.40 -34.67 -7.79
C ASP A 33 32.86 -34.58 -6.37
N ARG A 34 32.11 -33.52 -6.07
CA ARG A 34 31.64 -33.29 -4.72
C ARG A 34 30.20 -32.81 -4.69
N TYR A 35 29.90 -31.73 -5.42
CA TYR A 35 28.61 -31.07 -5.36
C TYR A 35 27.76 -31.49 -6.55
N GLU A 36 26.56 -32.00 -6.27
CA GLU A 36 25.61 -32.43 -7.28
C GLU A 36 24.49 -31.39 -7.34
N ILE A 37 24.55 -30.52 -8.36
CA ILE A 37 23.61 -29.42 -8.45
C ILE A 37 22.21 -29.95 -8.65
N ASP A 38 21.33 -29.71 -7.67
CA ASP A 38 19.93 -30.13 -7.78
C ASP A 38 19.14 -29.12 -8.60
N SER A 39 18.93 -27.92 -8.05
CA SER A 39 18.00 -26.99 -8.68
C SER A 39 18.40 -25.56 -8.40
N LEU A 40 17.71 -24.63 -9.05
CA LEU A 40 17.85 -23.21 -8.76
C LEU A 40 16.79 -22.81 -7.75
N ILE A 41 17.23 -22.38 -6.56
CA ILE A 41 16.30 -22.01 -5.49
C ILE A 41 16.12 -20.52 -5.34
N GLY A 42 16.90 -19.71 -6.05
CA GLY A 42 16.82 -18.28 -5.90
C GLY A 42 17.67 -17.53 -6.91
N LYS A 43 17.27 -16.30 -7.22
CA LYS A 43 17.99 -15.46 -8.16
C LYS A 43 17.94 -14.02 -7.68
N GLY A 44 18.96 -13.26 -8.05
CA GLY A 44 18.99 -11.86 -7.68
C GLY A 44 20.13 -11.16 -8.39
N SER A 45 20.42 -9.95 -7.91
CA SER A 45 21.55 -9.20 -8.45
C SER A 45 22.85 -10.01 -8.32
N PHE A 46 23.19 -10.39 -7.08
CA PHE A 46 24.39 -11.16 -6.75
C PHE A 46 24.67 -12.28 -7.74
N GLY A 47 23.60 -12.89 -8.27
CA GLY A 47 23.73 -14.06 -9.11
C GLY A 47 22.62 -15.05 -8.84
N GLN A 48 22.98 -16.27 -8.46
CA GLN A 48 22.00 -17.32 -8.26
C GLN A 48 22.26 -18.05 -6.95
N VAL A 49 21.25 -18.78 -6.48
CA VAL A 49 21.42 -19.75 -5.41
C VAL A 49 20.90 -21.09 -5.90
N VAL A 50 21.70 -22.13 -5.76
CA VAL A 50 21.32 -23.48 -6.17
C VAL A 50 21.26 -24.38 -4.96
N LYS A 51 20.24 -25.22 -4.92
CA LYS A 51 20.24 -26.36 -4.01
C LYS A 51 21.10 -27.46 -4.62
N ALA A 52 22.05 -27.97 -3.83
CA ALA A 52 22.97 -29.00 -4.29
C ALA A 52 23.23 -29.97 -3.14
N TYR A 53 23.78 -31.13 -3.48
CA TYR A 53 24.08 -32.18 -2.52
C TYR A 53 25.59 -32.30 -2.37
N ASP A 54 26.09 -32.02 -1.17
CA ASP A 54 27.47 -32.31 -0.80
C ASP A 54 27.61 -33.82 -0.60
N ARG A 55 28.21 -34.48 -1.58
CA ARG A 55 28.41 -35.92 -1.52
C ARG A 55 29.48 -36.30 -0.51
N VAL A 56 30.44 -35.41 -0.26
CA VAL A 56 31.52 -35.71 0.68
C VAL A 56 30.98 -35.72 2.11
N GLU A 57 30.28 -34.66 2.50
CA GLU A 57 29.67 -34.60 3.82
C GLU A 57 28.24 -35.15 3.83
N GLN A 58 27.74 -35.56 2.67
CA GLN A 58 26.42 -36.20 2.54
C GLN A 58 25.31 -35.34 3.16
N GLU A 59 25.20 -34.12 2.65
CA GLU A 59 24.20 -33.22 3.20
C GLU A 59 23.80 -32.19 2.15
N TRP A 60 22.57 -31.69 2.27
CA TRP A 60 22.06 -30.68 1.35
C TRP A 60 22.60 -29.31 1.71
N VAL A 61 23.06 -28.57 0.69
CA VAL A 61 23.59 -27.24 0.88
C VAL A 61 23.00 -26.30 -0.15
N ALA A 62 23.04 -25.01 0.17
CA ALA A 62 22.75 -23.96 -0.78
C ALA A 62 24.07 -23.36 -1.26
N ILE A 63 24.14 -23.01 -2.54
CA ILE A 63 25.36 -22.45 -3.10
C ILE A 63 25.00 -21.13 -3.76
N LYS A 64 25.57 -20.04 -3.23
CA LYS A 64 25.45 -18.72 -3.81
C LYS A 64 26.51 -18.60 -4.89
N ILE A 65 26.08 -18.67 -6.15
CA ILE A 65 26.97 -18.50 -7.31
C ILE A 65 26.93 -17.03 -7.70
N ILE A 66 28.06 -16.34 -7.57
CA ILE A 66 28.16 -14.92 -7.85
C ILE A 66 28.48 -14.73 -9.32
N LYS A 67 28.01 -13.61 -9.86
CA LYS A 67 28.17 -13.32 -11.28
C LYS A 67 29.64 -13.18 -11.64
N ASN A 68 29.95 -13.40 -12.91
CA ASN A 68 31.30 -13.24 -13.44
C ASN A 68 31.63 -11.79 -13.78
N LYS A 69 31.21 -10.86 -12.94
CA LYS A 69 31.58 -9.45 -13.04
C LYS A 69 32.44 -9.08 -11.86
N LYS A 70 33.35 -8.11 -12.08
CA LYS A 70 34.36 -7.80 -11.08
C LYS A 70 33.74 -7.32 -9.77
N ALA A 71 32.86 -6.33 -9.84
CA ALA A 71 32.35 -5.71 -8.61
C ALA A 71 31.48 -6.69 -7.82
N PHE A 72 30.71 -7.53 -8.50
CA PHE A 72 29.97 -8.57 -7.79
C PHE A 72 30.93 -9.47 -7.03
N LEU A 73 32.08 -9.79 -7.64
CA LEU A 73 33.09 -10.60 -6.97
C LEU A 73 33.66 -9.88 -5.76
N ASN A 74 33.94 -8.58 -5.88
CA ASN A 74 34.49 -7.83 -4.74
C ASN A 74 33.48 -7.75 -3.60
N GLN A 75 32.19 -7.55 -3.93
CA GLN A 75 31.16 -7.54 -2.90
C GLN A 75 31.06 -8.89 -2.22
N ALA A 76 31.08 -9.98 -3.00
CA ALA A 76 31.06 -11.31 -2.42
C ALA A 76 32.29 -11.56 -1.56
N GLN A 77 33.42 -10.94 -1.90
CA GLN A 77 34.63 -11.11 -1.09
C GLN A 77 34.52 -10.35 0.23
N ILE A 78 33.94 -9.16 0.20
CA ILE A 78 33.59 -8.46 1.44
C ILE A 78 32.70 -9.34 2.31
N GLU A 79 31.68 -9.96 1.69
CA GLU A 79 30.76 -10.81 2.43
C GLU A 79 31.47 -12.02 3.01
N VAL A 80 32.37 -12.63 2.24
CA VAL A 80 33.11 -13.80 2.72
C VAL A 80 33.99 -13.43 3.91
N ARG A 81 34.64 -12.26 3.84
CA ARG A 81 35.47 -11.84 4.96
C ARG A 81 34.63 -11.57 6.20
N LEU A 82 33.46 -10.94 6.03
CA LEU A 82 32.57 -10.74 7.17
C LEU A 82 32.09 -12.07 7.75
N LEU A 83 31.75 -13.03 6.90
CA LEU A 83 31.26 -14.31 7.39
C LEU A 83 32.35 -15.10 8.09
N GLU A 84 33.57 -15.08 7.55
CA GLU A 84 34.69 -15.74 8.23
C GLU A 84 34.99 -15.06 9.55
N LEU A 85 34.88 -13.73 9.60
CA LEU A 85 35.08 -13.00 10.85
C LEU A 85 34.02 -13.40 11.88
N MET A 86 32.78 -13.61 11.43
CA MET A 86 31.76 -14.12 12.34
C MET A 86 32.05 -15.54 12.78
N ASN A 87 32.60 -16.37 11.89
CA ASN A 87 32.98 -17.73 12.23
C ASN A 87 34.12 -17.76 13.24
N LYS A 88 34.93 -16.71 13.31
CA LYS A 88 36.07 -16.67 14.22
C LYS A 88 35.69 -16.34 15.66
N HIS A 89 34.42 -16.04 15.93
CA HIS A 89 33.97 -15.67 17.26
C HIS A 89 33.13 -16.80 17.83
N ASP A 90 33.62 -17.43 18.89
CA ASP A 90 33.02 -18.63 19.46
C ASP A 90 32.01 -18.23 20.53
N THR A 91 30.74 -18.15 20.14
CA THR A 91 29.64 -17.91 21.08
C THR A 91 28.38 -18.51 20.47
N GLU A 92 27.46 -18.94 21.34
CA GLU A 92 26.21 -19.52 20.86
C GLU A 92 25.38 -18.53 20.05
N MET A 93 25.56 -17.23 20.29
CA MET A 93 24.80 -16.21 19.56
C MET A 93 25.04 -16.34 18.05
N LYS A 94 26.26 -16.67 17.65
CA LYS A 94 26.59 -16.83 16.23
C LYS A 94 25.71 -17.86 15.54
N TYR A 95 25.02 -18.71 16.31
CA TYR A 95 24.16 -19.71 15.71
C TYR A 95 22.83 -19.15 15.21
N TYR A 96 22.59 -17.85 15.37
CA TYR A 96 21.44 -17.22 14.75
C TYR A 96 21.78 -16.63 13.39
N ILE A 97 23.01 -16.76 12.94
CA ILE A 97 23.46 -16.31 11.63
C ILE A 97 23.63 -17.53 10.75
N VAL A 98 23.29 -17.38 9.46
CA VAL A 98 23.55 -18.45 8.50
C VAL A 98 25.03 -18.78 8.49
N HIS A 99 25.36 -20.05 8.34
CA HIS A 99 26.74 -20.52 8.44
C HIS A 99 27.31 -20.75 7.06
N LEU A 100 28.38 -20.01 6.73
CA LEU A 100 29.14 -20.27 5.53
C LEU A 100 29.98 -21.53 5.72
N LYS A 101 29.64 -22.58 4.98
CA LYS A 101 30.36 -23.85 5.09
C LYS A 101 31.66 -23.83 4.29
N ARG A 102 31.67 -23.17 3.14
CA ARG A 102 32.85 -23.15 2.27
C ARG A 102 32.67 -22.05 1.23
N HIS A 103 33.81 -21.56 0.75
CA HIS A 103 33.86 -20.68 -0.42
C HIS A 103 34.96 -21.17 -1.34
N PHE A 104 34.72 -21.08 -2.65
CA PHE A 104 35.69 -21.53 -3.63
C PHE A 104 35.36 -20.86 -4.96
N MET A 105 36.33 -20.93 -5.88
CA MET A 105 36.15 -20.42 -7.22
C MET A 105 35.95 -21.60 -8.17
N PHE A 106 34.93 -21.52 -9.01
CA PHE A 106 34.59 -22.60 -9.94
C PHE A 106 34.10 -21.98 -11.24
N ARG A 107 34.86 -22.16 -12.31
CA ARG A 107 34.51 -21.69 -13.65
C ARG A 107 34.21 -20.20 -13.64
N ASN A 108 35.15 -19.42 -13.10
CA ASN A 108 35.09 -17.97 -13.07
C ASN A 108 33.88 -17.45 -12.28
N HIS A 109 33.44 -18.23 -11.30
CA HIS A 109 32.36 -17.81 -10.41
C HIS A 109 32.77 -18.07 -8.97
N LEU A 110 32.64 -17.06 -8.12
CA LEU A 110 32.81 -17.26 -6.69
C LEU A 110 31.57 -17.93 -6.14
N CYS A 111 31.76 -19.07 -5.46
CA CYS A 111 30.65 -19.85 -4.93
C CYS A 111 30.76 -19.90 -3.42
N LEU A 112 29.66 -19.59 -2.74
CA LEU A 112 29.59 -19.57 -1.29
C LEU A 112 28.64 -20.67 -0.84
N VAL A 113 29.16 -21.69 -0.18
CA VAL A 113 28.33 -22.79 0.30
C VAL A 113 27.74 -22.40 1.66
N PHE A 114 26.47 -22.73 1.85
CA PHE A 114 25.72 -22.39 3.05
C PHE A 114 24.87 -23.58 3.45
N GLU A 115 24.50 -23.60 4.72
CA GLU A 115 23.55 -24.58 5.21
C GLU A 115 22.19 -24.38 4.55
N MET A 116 21.57 -25.48 4.13
CA MET A 116 20.21 -25.43 3.63
C MET A 116 19.24 -25.35 4.81
N LEU A 117 18.39 -24.33 4.80
CA LEU A 117 17.41 -24.11 5.84
C LEU A 117 16.00 -24.27 5.26
N SER A 118 14.99 -23.99 6.08
CA SER A 118 13.62 -24.11 5.60
C SER A 118 13.19 -22.84 4.88
N TYR A 119 11.94 -22.42 5.05
CA TYR A 119 11.40 -21.29 4.31
C TYR A 119 11.56 -19.99 5.10
N ASN A 120 11.46 -18.89 4.36
CA ASN A 120 11.59 -17.56 4.96
C ASN A 120 10.32 -17.18 5.70
N LEU A 121 10.41 -16.10 6.48
CA LEU A 121 9.27 -15.66 7.27
C LEU A 121 8.16 -15.07 6.42
N TYR A 122 8.47 -14.59 5.22
CA TYR A 122 7.41 -14.16 4.31
C TYR A 122 6.62 -15.37 3.80
N ASP A 123 7.31 -16.50 3.57
CA ASP A 123 6.59 -17.73 3.24
C ASP A 123 5.70 -18.17 4.38
N LEU A 124 6.16 -17.98 5.62
CA LEU A 124 5.33 -18.30 6.78
C LEU A 124 4.12 -17.38 6.86
N LEU A 125 4.31 -16.10 6.53
CA LEU A 125 3.16 -15.19 6.45
C LEU A 125 2.21 -15.60 5.35
N ARG A 126 2.73 -16.14 4.25
CA ARG A 126 1.89 -16.55 3.13
C ARG A 126 1.16 -17.86 3.42
N ASN A 127 1.71 -18.70 4.29
CA ASN A 127 1.02 -19.93 4.66
C ASN A 127 -0.24 -19.63 5.45
N THR A 128 -0.13 -18.79 6.48
CA THR A 128 -1.30 -18.06 6.96
C THR A 128 -1.83 -17.22 5.80
N ASN A 129 -3.14 -16.96 5.80
CA ASN A 129 -3.72 -16.12 4.76
C ASN A 129 -3.38 -14.65 5.03
N PHE A 130 -2.08 -14.41 5.19
CA PHE A 130 -1.54 -13.13 5.64
C PHE A 130 -2.26 -12.63 6.89
N ARG A 131 -2.73 -13.56 7.71
CA ARG A 131 -3.32 -13.23 8.99
C ARG A 131 -2.26 -13.00 10.06
N GLY A 132 -0.99 -13.26 9.76
CA GLY A 132 0.08 -13.15 10.73
C GLY A 132 0.21 -14.40 11.57
N VAL A 133 1.23 -14.38 12.42
CA VAL A 133 1.48 -15.46 13.35
C VAL A 133 1.21 -14.96 14.77
N SER A 134 1.07 -15.91 15.69
CA SER A 134 0.75 -15.57 17.07
C SER A 134 1.81 -14.66 17.67
N LEU A 135 1.40 -13.86 18.66
CA LEU A 135 2.34 -13.00 19.37
C LEU A 135 3.37 -13.80 20.15
N ASN A 136 3.09 -15.05 20.48
CA ASN A 136 4.09 -15.89 21.11
C ASN A 136 5.19 -16.28 20.13
N LEU A 137 4.80 -16.65 18.91
CA LEU A 137 5.80 -16.91 17.87
C LEU A 137 6.54 -15.64 17.50
N THR A 138 5.84 -14.51 17.46
CA THR A 138 6.51 -13.22 17.26
C THR A 138 7.52 -12.95 18.36
N ARG A 139 7.18 -13.34 19.60
CA ARG A 139 8.09 -13.15 20.72
C ARG A 139 9.34 -14.02 20.57
N LYS A 140 9.16 -15.28 20.18
CA LYS A 140 10.31 -16.16 19.94
C LYS A 140 11.20 -15.60 18.84
N PHE A 141 10.59 -15.23 17.71
CA PHE A 141 11.34 -14.66 16.59
C PHE A 141 12.08 -13.40 17.01
N ALA A 142 11.42 -12.54 17.79
CA ALA A 142 12.03 -11.29 18.22
C ALA A 142 13.20 -11.53 19.15
N GLN A 143 13.08 -12.49 20.07
CA GLN A 143 14.19 -12.83 20.94
C GLN A 143 15.38 -13.31 20.14
N GLN A 144 15.15 -14.22 19.19
CA GLN A 144 16.25 -14.72 18.38
C GLN A 144 16.88 -13.61 17.53
N MET A 145 16.05 -12.69 17.01
CA MET A 145 16.56 -11.62 16.18
C MET A 145 17.37 -10.62 17.00
N CYS A 146 16.90 -10.28 18.20
CA CYS A 146 17.66 -9.40 19.07
C CYS A 146 18.97 -10.03 19.50
N THR A 147 18.98 -11.35 19.72
CA THR A 147 20.23 -12.05 20.03
C THR A 147 21.19 -11.99 18.84
N ALA A 148 20.67 -12.18 17.62
CA ALA A 148 21.51 -12.08 16.44
C ALA A 148 22.10 -10.67 16.29
N LEU A 149 21.27 -9.65 16.50
CA LEU A 149 21.76 -8.28 16.42
C LEU A 149 22.74 -7.95 17.54
N LEU A 150 22.60 -8.61 18.70
CA LEU A 150 23.59 -8.49 19.75
C LEU A 150 24.93 -9.06 19.29
N PHE A 151 24.90 -10.26 18.70
CA PHE A 151 26.12 -10.83 18.13
C PHE A 151 26.75 -9.89 17.13
N LEU A 152 25.93 -9.29 16.26
CA LEU A 152 26.46 -8.34 15.29
C LEU A 152 27.02 -7.10 15.96
N ALA A 153 26.48 -6.71 17.11
CA ALA A 153 26.93 -5.52 17.82
C ALA A 153 28.26 -5.72 18.54
N THR A 154 28.82 -6.92 18.52
CA THR A 154 30.13 -7.15 19.12
C THR A 154 31.15 -6.21 18.49
N PRO A 155 31.92 -5.46 19.29
CA PRO A 155 32.77 -4.40 18.70
C PRO A 155 33.76 -4.89 17.66
N GLU A 156 34.39 -6.05 17.87
CA GLU A 156 35.28 -6.60 16.87
C GLU A 156 34.55 -6.94 15.58
N LEU A 157 33.24 -7.12 15.64
CA LEU A 157 32.43 -7.37 14.46
C LEU A 157 31.84 -6.05 13.96
N SER A 158 30.90 -5.49 14.72
CA SER A 158 30.26 -4.22 14.40
C SER A 158 29.71 -4.24 12.97
N ILE A 159 28.87 -5.24 12.70
CA ILE A 159 28.36 -5.51 11.37
C ILE A 159 26.93 -5.02 11.27
N ILE A 160 26.63 -4.27 10.21
CA ILE A 160 25.27 -3.90 9.85
C ILE A 160 24.80 -4.85 8.77
N HIS A 161 23.64 -5.47 8.98
CA HIS A 161 23.12 -6.38 7.95
C HIS A 161 22.71 -5.62 6.70
N CYS A 162 22.14 -4.43 6.88
CA CYS A 162 21.77 -3.48 5.84
C CYS A 162 20.60 -3.93 4.97
N ASP A 163 20.03 -5.12 5.21
CA ASP A 163 18.86 -5.53 4.45
C ASP A 163 18.05 -6.57 5.24
N LEU A 164 17.63 -6.22 6.44
CA LEU A 164 16.76 -7.10 7.20
C LEU A 164 15.35 -7.04 6.63
N LYS A 165 14.76 -8.21 6.40
CA LYS A 165 13.42 -8.33 5.86
C LYS A 165 12.96 -9.78 6.05
N PRO A 166 11.65 -10.04 6.10
CA PRO A 166 11.19 -11.42 6.30
C PRO A 166 11.80 -12.42 5.33
N GLU A 167 12.08 -12.01 4.09
CA GLU A 167 12.67 -12.91 3.12
C GLU A 167 14.12 -13.29 3.47
N ASN A 168 14.78 -12.51 4.33
CA ASN A 168 16.14 -12.79 4.74
C ASN A 168 16.22 -13.41 6.13
N ILE A 169 15.08 -13.76 6.72
CA ILE A 169 15.02 -14.51 7.97
C ILE A 169 14.38 -15.84 7.61
N LEU A 170 15.15 -16.92 7.71
CA LEU A 170 14.67 -18.24 7.32
C LEU A 170 14.47 -19.09 8.56
N LEU A 171 13.63 -20.11 8.42
CA LEU A 171 13.41 -21.07 9.49
C LEU A 171 14.42 -22.20 9.39
N CYS A 172 14.91 -22.64 10.55
CA CYS A 172 15.85 -23.76 10.60
C CYS A 172 15.14 -25.03 10.15
N ASN A 173 14.19 -25.49 10.94
CA ASN A 173 13.29 -26.58 10.60
C ASN A 173 11.88 -26.04 10.42
N PRO A 174 11.10 -26.58 9.48
CA PRO A 174 9.74 -26.05 9.29
C PRO A 174 8.81 -26.34 10.46
N LYS A 175 9.11 -27.35 11.27
CA LYS A 175 8.28 -27.65 12.43
C LYS A 175 8.69 -26.86 13.66
N ARG A 176 9.95 -26.46 13.76
CA ARG A 176 10.46 -25.75 14.93
C ARG A 176 10.32 -24.24 14.73
N SER A 177 10.66 -23.48 15.77
CA SER A 177 10.57 -22.02 15.74
C SER A 177 11.92 -21.34 15.59
N ALA A 178 13.01 -22.10 15.50
CA ALA A 178 14.33 -21.50 15.36
C ALA A 178 14.48 -20.85 13.99
N ILE A 179 15.18 -19.71 13.97
CA ILE A 179 15.39 -18.95 12.74
C ILE A 179 16.86 -18.59 12.61
N LYS A 180 17.23 -18.18 11.39
CA LYS A 180 18.57 -17.75 11.07
C LYS A 180 18.45 -16.64 10.04
N ILE A 181 19.19 -15.55 10.24
CA ILE A 181 19.19 -14.47 9.27
C ILE A 181 20.25 -14.75 8.21
N VAL A 182 19.91 -14.45 6.96
CA VAL A 182 20.76 -14.75 5.82
C VAL A 182 20.95 -13.48 5.00
N ASP A 183 21.69 -13.61 3.89
CA ASP A 183 21.92 -12.54 2.92
C ASP A 183 22.67 -11.37 3.55
N PHE A 184 23.98 -11.58 3.72
CA PHE A 184 24.90 -10.54 4.14
C PHE A 184 25.62 -9.91 2.94
N GLY A 185 25.00 -9.95 1.77
CA GLY A 185 25.62 -9.34 0.60
C GLY A 185 25.70 -7.83 0.70
N SER A 186 24.64 -7.19 1.18
CA SER A 186 24.63 -5.74 1.38
C SER A 186 25.24 -5.34 2.72
N SER A 187 25.70 -6.30 3.51
CA SER A 187 26.21 -6.01 4.85
C SER A 187 27.54 -5.25 4.76
N CYS A 188 27.95 -4.70 5.89
CA CYS A 188 29.18 -3.93 5.99
C CYS A 188 29.50 -3.72 7.45
N GLN A 189 30.80 -3.57 7.75
CA GLN A 189 31.20 -3.24 9.10
C GLN A 189 30.93 -1.77 9.38
N LEU A 190 30.91 -1.43 10.67
CA LEU A 190 30.59 -0.05 11.07
C LEU A 190 31.56 0.95 10.46
N GLY A 191 32.82 0.57 10.29
CA GLY A 191 33.80 1.45 9.69
C GLY A 191 33.72 1.52 8.18
N GLN A 192 33.63 0.36 7.54
CA GLN A 192 33.68 0.28 6.07
C GLN A 192 32.27 0.29 5.48
N ARG A 193 31.56 1.39 5.73
CA ARG A 193 30.29 1.65 5.06
C ARG A 193 30.58 2.20 3.66
N ILE A 194 29.97 1.61 2.64
CA ILE A 194 30.37 1.85 1.26
C ILE A 194 29.25 2.31 0.36
N TYR A 195 28.02 2.44 0.87
CA TYR A 195 26.91 2.76 -0.03
C TYR A 195 25.74 3.33 0.76
N GLN A 196 25.03 4.28 0.15
CA GLN A 196 23.74 4.74 0.65
C GLN A 196 22.65 3.83 0.07
N PTR A 197 21.41 4.30 0.05
CA PTR A 197 20.26 3.52 -0.47
C PTR A 197 20.40 2.05 -0.09
O PTR A 197 20.43 1.18 -0.97
CB PTR A 197 20.14 3.68 -1.99
CG PTR A 197 18.77 3.36 -2.58
CD1 PTR A 197 18.56 2.23 -3.34
CD2 PTR A 197 17.70 4.22 -2.38
CE1 PTR A 197 17.33 1.95 -3.90
CE2 PTR A 197 16.46 3.95 -2.93
CZ PTR A 197 16.26 2.81 -3.68
OH PTR A 197 15.10 2.56 -4.21
P PTR A 197 13.94 1.73 -3.45
O1P PTR A 197 12.82 1.53 -4.41
O2P PTR A 197 13.42 2.54 -2.24
O3P PTR A 197 14.47 0.36 -2.98
N ILE A 198 20.51 1.78 1.20
CA ILE A 198 20.98 0.47 1.66
C ILE A 198 19.89 -0.55 1.88
N GLN A 199 18.84 -0.15 2.59
CA GLN A 199 17.84 -1.11 3.07
C GLN A 199 16.66 -1.20 2.12
N SER A 200 15.90 -2.28 2.29
CA SER A 200 14.61 -2.40 1.61
C SER A 200 13.68 -1.29 2.07
N ARG A 201 12.83 -0.83 1.16
CA ARG A 201 12.05 0.38 1.40
C ARG A 201 11.19 0.25 2.64
N PHE A 202 10.34 -0.79 2.69
CA PHE A 202 9.43 -0.98 3.82
C PHE A 202 10.16 -0.96 5.14
N TYR A 203 11.39 -1.47 5.17
CA TYR A 203 12.17 -1.62 6.40
C TYR A 203 13.34 -0.66 6.46
N ARG A 204 13.32 0.41 5.67
CA ARG A 204 14.41 1.37 5.66
C ARG A 204 14.30 2.31 6.86
N SER A 205 15.41 2.50 7.54
CA SER A 205 15.45 3.35 8.72
C SER A 205 15.26 4.82 8.31
N PRO A 206 14.88 5.68 9.26
CA PRO A 206 14.70 7.09 8.91
C PRO A 206 16.00 7.77 8.52
N GLU A 207 17.07 7.56 9.29
CA GLU A 207 18.34 8.22 8.99
C GLU A 207 18.84 7.90 7.58
N VAL A 208 18.55 6.70 7.08
CA VAL A 208 18.95 6.35 5.72
C VAL A 208 18.11 7.14 4.71
N LEU A 209 16.81 7.27 4.97
CA LEU A 209 15.97 8.08 4.10
C LEU A 209 16.43 9.54 4.09
N LEU A 210 16.97 10.03 5.21
CA LEU A 210 17.41 11.40 5.32
C LEU A 210 18.89 11.58 5.02
N GLY A 211 19.54 10.56 4.43
CA GLY A 211 20.92 10.69 4.02
C GLY A 211 21.89 10.94 5.16
N MET A 212 21.61 10.40 6.34
CA MET A 212 22.47 10.60 7.49
C MET A 212 23.43 9.44 7.66
N PRO A 213 24.55 9.66 8.37
CA PRO A 213 25.43 8.55 8.72
C PRO A 213 24.70 7.48 9.52
N TYR A 214 24.45 6.34 8.90
CA TYR A 214 23.73 5.26 9.55
C TYR A 214 24.68 4.37 10.35
N ASP A 215 24.10 3.54 11.20
CA ASP A 215 24.88 2.61 12.01
C ASP A 215 24.02 1.36 12.24
N LEU A 216 24.37 0.59 13.27
CA LEU A 216 23.73 -0.69 13.55
C LEU A 216 22.31 -0.54 14.08
N ALA A 217 21.77 0.67 14.17
CA ALA A 217 20.40 0.87 14.62
C ALA A 217 19.38 0.71 13.49
N ILE A 218 19.82 0.87 12.24
CA ILE A 218 18.92 0.66 11.09
C ILE A 218 18.38 -0.77 11.11
N ASP A 219 19.19 -1.73 11.56
CA ASP A 219 18.71 -3.09 11.70
C ASP A 219 17.62 -3.19 12.77
N MET A 220 17.75 -2.41 13.84
CA MET A 220 16.71 -2.41 14.88
C MET A 220 15.40 -1.83 14.35
N TRP A 221 15.50 -0.77 13.54
CA TRP A 221 14.30 -0.24 12.88
C TRP A 221 13.64 -1.31 12.00
N SER A 222 14.45 -1.93 11.14
CA SER A 222 13.93 -3.01 10.30
C SER A 222 13.27 -4.09 11.12
N LEU A 223 13.90 -4.48 12.24
CA LEU A 223 13.33 -5.52 13.10
C LEU A 223 11.98 -5.09 13.67
N GLY A 224 11.86 -3.81 14.04
CA GLY A 224 10.56 -3.32 14.48
C GLY A 224 9.48 -3.51 13.44
N CYS A 225 9.74 -3.02 12.23
CA CYS A 225 8.77 -3.20 11.15
C CYS A 225 8.49 -4.67 10.89
N ILE A 226 9.52 -5.52 11.02
CA ILE A 226 9.37 -6.94 10.71
C ILE A 226 8.48 -7.61 11.75
N LEU A 227 8.65 -7.28 13.03
CA LEU A 227 7.83 -7.89 14.07
C LEU A 227 6.37 -7.45 13.93
N VAL A 228 6.15 -6.17 13.65
CA VAL A 228 4.78 -5.72 13.40
C VAL A 228 4.18 -6.49 12.23
N GLU A 229 4.94 -6.63 11.14
CA GLU A 229 4.42 -7.34 9.97
C GLU A 229 4.17 -8.81 10.28
N MET A 230 5.03 -9.42 11.10
CA MET A 230 4.86 -10.82 11.46
C MET A 230 3.55 -11.03 12.21
N HIS A 231 3.21 -10.11 13.13
CA HIS A 231 1.97 -10.33 13.87
C HIS A 231 0.74 -9.93 13.06
N THR A 232 0.80 -8.81 12.33
CA THR A 232 -0.37 -8.34 11.60
C THR A 232 -0.55 -9.04 10.26
N GLY A 233 0.54 -9.58 9.68
CA GLY A 233 0.49 -10.18 8.37
C GLY A 233 0.69 -9.21 7.22
N GLU A 234 0.77 -7.91 7.50
CA GLU A 234 0.94 -6.92 6.45
C GLU A 234 2.05 -5.95 6.84
N PRO A 235 2.74 -5.38 5.85
CA PRO A 235 3.82 -4.43 6.15
C PRO A 235 3.28 -3.21 6.89
N LEU A 236 3.97 -2.84 7.97
CA LEU A 236 3.57 -1.67 8.74
C LEU A 236 3.76 -0.39 7.93
N PHE A 237 4.84 -0.31 7.15
CA PHE A 237 5.17 0.88 6.35
C PHE A 237 5.32 0.45 4.90
N SER A 238 4.19 0.33 4.20
CA SER A 238 4.18 -0.17 2.81
C SER A 238 4.31 1.00 1.84
N GLY A 239 5.48 1.66 1.90
CA GLY A 239 5.74 2.80 1.04
C GLY A 239 6.21 2.37 -0.34
N ALA A 240 5.69 3.06 -1.36
CA ALA A 240 6.04 2.75 -2.74
C ALA A 240 7.23 3.56 -3.25
N ASN A 241 7.55 4.68 -2.60
CA ASN A 241 8.74 5.46 -2.91
C ASN A 241 9.32 5.98 -1.61
N GLU A 242 10.40 6.75 -1.70
CA GLU A 242 11.09 7.23 -0.51
C GLU A 242 10.20 8.18 0.30
N VAL A 243 9.67 9.22 -0.35
CA VAL A 243 8.83 10.19 0.35
C VAL A 243 7.56 9.54 0.87
N ASP A 244 6.99 8.61 0.09
CA ASP A 244 5.80 7.91 0.53
C ASP A 244 6.09 7.06 1.78
N GLN A 245 7.24 6.39 1.79
CA GLN A 245 7.64 5.62 2.97
C GLN A 245 7.80 6.53 4.19
N MET A 246 8.47 7.67 4.00
CA MET A 246 8.66 8.60 5.11
C MET A 246 7.32 9.13 5.63
N ASN A 247 6.38 9.38 4.72
CA ASN A 247 5.07 9.90 5.12
C ASN A 247 4.29 8.85 5.88
N LYS A 248 4.30 7.59 5.40
CA LYS A 248 3.64 6.52 6.14
C LYS A 248 4.29 6.29 7.50
N ILE A 249 5.59 6.57 7.61
CA ILE A 249 6.26 6.50 8.91
C ILE A 249 5.73 7.59 9.84
N VAL A 250 5.72 8.84 9.36
CA VAL A 250 5.26 9.96 10.18
C VAL A 250 3.80 9.76 10.58
N GLU A 251 3.00 9.11 9.73
CA GLU A 251 1.62 8.78 10.07
C GLU A 251 1.52 8.07 11.41
N VAL A 252 2.52 7.26 11.75
CA VAL A 252 2.51 6.47 12.97
C VAL A 252 3.34 7.10 14.07
N LEU A 253 4.46 7.73 13.72
CA LEU A 253 5.44 8.21 14.70
C LEU A 253 5.55 9.72 14.76
N GLY A 254 4.74 10.46 14.01
CA GLY A 254 4.77 11.91 14.06
C GLY A 254 6.00 12.48 13.35
N ILE A 255 6.19 13.78 13.52
CA ILE A 255 7.36 14.45 12.88
C ILE A 255 8.62 14.03 13.63
N PRO A 256 9.76 13.85 12.94
CA PRO A 256 11.00 13.49 13.60
C PRO A 256 11.58 14.59 14.49
N PRO A 257 12.35 14.25 15.53
CA PRO A 257 13.00 15.24 16.37
C PRO A 257 13.89 16.19 15.57
N ALA A 258 13.46 17.45 15.41
CA ALA A 258 14.24 18.45 14.67
C ALA A 258 15.71 18.43 15.09
N HIS A 259 16.00 18.14 16.35
CA HIS A 259 17.39 18.13 16.85
C HIS A 259 18.28 17.34 15.90
N ILE A 260 17.69 16.43 15.12
CA ILE A 260 18.46 15.58 14.18
C ILE A 260 18.15 16.03 12.75
N LEU A 261 16.99 16.67 12.56
CA LEU A 261 16.66 17.21 11.22
C LEU A 261 17.55 18.44 10.97
N ASP A 262 18.04 19.07 12.02
CA ASP A 262 18.97 20.23 11.88
C ASP A 262 20.29 19.66 11.37
N GLN A 263 20.35 18.35 11.20
CA GLN A 263 21.52 17.64 10.70
C GLN A 263 21.17 16.69 9.56
N ALA A 264 19.96 16.80 9.00
CA ALA A 264 19.51 15.88 7.97
C ALA A 264 19.85 16.45 6.59
N PRO A 265 20.75 15.82 5.83
CA PRO A 265 21.02 16.33 4.47
C PRO A 265 19.79 16.32 3.58
N LYS A 266 19.02 15.23 3.60
CA LYS A 266 17.81 15.11 2.79
C LYS A 266 16.56 15.57 3.53
N ALA A 267 16.72 16.42 4.55
CA ALA A 267 15.56 16.91 5.31
C ALA A 267 14.57 17.61 4.38
N ARG A 268 15.06 18.48 3.50
CA ARG A 268 14.22 19.23 2.59
C ARG A 268 13.53 18.35 1.56
N LYS A 269 13.75 17.04 1.57
CA LYS A 269 13.02 16.15 0.69
C LYS A 269 11.65 15.79 1.22
N PHE A 270 11.40 15.96 2.52
CA PHE A 270 10.13 15.59 3.11
C PHE A 270 9.53 16.71 3.94
N PHE A 271 10.37 17.57 4.52
CA PHE A 271 9.91 18.54 5.52
C PHE A 271 10.38 19.94 5.17
N GLU A 272 9.62 20.93 5.66
CA GLU A 272 9.93 22.34 5.47
C GLU A 272 10.11 23.00 6.83
N LYS A 273 11.14 23.83 6.94
CA LYS A 273 11.42 24.53 8.19
C LYS A 273 10.58 25.79 8.31
N TRP A 279 9.60 23.01 11.60
CA TRP A 279 9.68 21.75 10.86
C TRP A 279 8.30 21.13 10.70
N ASN A 280 7.82 21.06 9.46
CA ASN A 280 6.53 20.48 9.16
C ASN A 280 6.60 19.80 7.80
N LEU A 281 5.57 19.03 7.48
CA LEU A 281 5.55 18.23 6.26
C LEU A 281 5.28 19.12 5.04
N LYS A 282 5.17 18.47 3.88
CA LYS A 282 4.94 19.15 2.61
C LYS A 282 3.57 18.79 2.07
N LYS A 283 2.94 19.76 1.41
CA LYS A 283 1.62 19.55 0.83
C LYS A 283 1.67 18.53 -0.29
N THR A 284 0.57 17.81 -0.47
CA THR A 284 0.50 16.79 -1.51
C THR A 284 0.16 17.41 -2.86
N LYS A 285 -1.03 17.99 -2.98
CA LYS A 285 -1.45 18.65 -4.22
C LYS A 285 -2.59 19.63 -3.95
N LYS A 288 -5.26 15.55 -4.11
CA LYS A 288 -4.56 14.42 -3.52
C LYS A 288 -5.00 14.19 -2.08
N ARG A 289 -5.45 12.97 -1.80
CA ARG A 289 -5.86 12.61 -0.45
C ARG A 289 -4.68 12.68 0.50
N GLU A 290 -4.81 13.47 1.55
CA GLU A 290 -3.70 13.70 2.47
C GLU A 290 -3.44 12.47 3.33
N TYR A 291 -2.20 12.33 3.76
CA TYR A 291 -1.83 11.28 4.70
C TYR A 291 -2.47 11.58 6.05
N LYS A 292 -2.66 10.52 6.84
CA LYS A 292 -3.20 10.69 8.18
C LYS A 292 -2.29 11.63 8.97
N PRO A 293 -2.85 12.62 9.66
CA PRO A 293 -2.03 13.59 10.40
C PRO A 293 -1.01 12.91 11.28
N PRO A 294 0.10 13.58 11.61
CA PRO A 294 1.23 12.89 12.24
C PRO A 294 0.87 12.32 13.61
N GLY A 295 1.21 11.05 13.80
CA GLY A 295 0.95 10.37 15.05
C GLY A 295 -0.47 9.88 15.24
N THR A 296 -1.36 10.09 14.26
CA THR A 296 -2.74 9.68 14.43
C THR A 296 -2.93 8.18 14.25
N ARG A 297 -2.15 7.56 13.36
CA ARG A 297 -2.21 6.10 13.19
C ARG A 297 -1.37 5.47 14.28
N LYS A 298 -2.00 5.23 15.43
CA LYS A 298 -1.30 4.64 16.55
C LYS A 298 -1.13 3.14 16.35
N LEU A 299 0.01 2.62 16.82
CA LEU A 299 0.21 1.18 16.82
C LEU A 299 -0.95 0.48 17.52
N HIS A 300 -1.34 1.00 18.69
CA HIS A 300 -2.49 0.53 19.47
C HIS A 300 -3.61 -0.04 18.62
N ASN A 301 -4.02 0.69 17.58
CA ASN A 301 -5.11 0.22 16.72
C ASN A 301 -4.63 -0.76 15.66
N ILE A 302 -3.40 -0.59 15.16
CA ILE A 302 -2.84 -1.53 14.20
C ILE A 302 -2.76 -2.92 14.81
N LEU A 303 -2.14 -3.02 15.99
CA LEU A 303 -2.06 -4.27 16.72
C LEU A 303 -3.42 -4.70 17.25
N GLY A 304 -4.25 -3.73 17.65
CA GLY A 304 -5.51 -4.06 18.29
C GLY A 304 -5.32 -4.52 19.72
N VAL A 305 -4.71 -3.65 20.53
CA VAL A 305 -4.38 -4.01 21.91
C VAL A 305 -5.63 -4.35 22.70
N GLU A 306 -6.72 -3.62 22.46
CA GLU A 306 -7.95 -3.79 23.22
C GLU A 306 -9.09 -4.33 22.36
N THR A 307 -8.78 -4.88 21.18
CA THR A 307 -9.81 -5.39 20.28
C THR A 307 -9.59 -6.86 19.92
N GLY A 308 -8.79 -7.58 20.70
CA GLY A 308 -8.51 -8.96 20.40
C GLY A 308 -7.42 -9.18 19.37
N GLY A 309 -6.53 -8.22 19.19
CA GLY A 309 -5.42 -8.36 18.26
C GLY A 309 -5.81 -8.09 16.83
N PRO A 310 -4.90 -8.40 15.90
CA PRO A 310 -5.20 -8.19 14.48
C PRO A 310 -6.39 -9.03 14.04
N GLY A 311 -7.46 -8.34 13.62
CA GLY A 311 -8.66 -9.00 13.17
C GLY A 311 -9.56 -9.55 14.26
N GLY A 312 -9.30 -9.19 15.52
CA GLY A 312 -10.09 -9.73 16.61
C GLY A 312 -10.02 -11.23 16.76
N ARG A 313 -8.94 -11.85 16.28
CA ARG A 313 -8.82 -13.30 16.31
C ARG A 313 -8.11 -13.82 17.55
N ARG A 314 -7.34 -12.99 18.24
CA ARG A 314 -6.55 -13.42 19.39
C ARG A 314 -7.25 -13.13 20.71
N ALA A 315 -8.56 -12.88 20.68
CA ALA A 315 -9.29 -12.59 21.91
C ALA A 315 -9.31 -13.82 22.83
N GLY A 316 -8.88 -13.62 24.07
CA GLY A 316 -8.86 -14.69 25.06
C GLY A 316 -7.70 -15.66 24.92
N GLU A 317 -6.80 -15.45 23.97
CA GLU A 317 -5.65 -16.34 23.80
C GLU A 317 -4.55 -15.98 24.78
N SER A 318 -3.93 -17.00 25.36
CA SER A 318 -2.82 -16.78 26.29
C SER A 318 -1.65 -16.14 25.57
N GLY A 319 -0.95 -15.26 26.29
CA GLY A 319 0.07 -14.44 25.68
C GLY A 319 -0.45 -13.32 24.82
N HIS A 320 -1.78 -13.18 24.68
CA HIS A 320 -2.41 -12.16 23.87
C HIS A 320 -3.31 -11.26 24.71
N THR A 321 -3.02 -11.13 26.00
CA THR A 321 -3.77 -10.21 26.83
C THR A 321 -3.44 -8.78 26.46
N VAL A 322 -4.22 -7.84 27.02
CA VAL A 322 -3.99 -6.42 26.74
C VAL A 322 -2.62 -5.99 27.24
N ALA A 323 -2.17 -6.56 28.37
CA ALA A 323 -0.86 -6.23 28.90
C ALA A 323 0.25 -6.72 27.98
N ASP A 324 0.12 -7.92 27.42
CA ASP A 324 1.13 -8.42 26.49
C ASP A 324 1.20 -7.56 25.24
N TYR A 325 0.04 -7.15 24.71
CA TYR A 325 0.03 -6.27 23.56
C TYR A 325 0.64 -4.91 23.89
N LEU A 326 0.45 -4.43 25.12
CA LEU A 326 1.04 -3.15 25.50
C LEU A 326 2.56 -3.26 25.63
N LYS A 327 3.05 -4.38 26.16
CA LYS A 327 4.49 -4.60 26.21
C LYS A 327 5.07 -4.68 24.80
N PHE A 328 4.36 -5.36 23.89
CA PHE A 328 4.82 -5.43 22.51
C PHE A 328 4.84 -4.05 21.87
N LYS A 329 3.80 -3.25 22.11
CA LYS A 329 3.76 -1.89 21.59
C LYS A 329 4.93 -1.06 22.09
N ASP A 330 5.24 -1.17 23.39
CA ASP A 330 6.37 -0.44 23.94
C ASP A 330 7.68 -0.88 23.31
N LEU A 331 7.86 -2.19 23.13
CA LEU A 331 9.10 -2.67 22.51
C LEU A 331 9.22 -2.20 21.07
N ILE A 332 8.13 -2.23 20.31
CA ILE A 332 8.18 -1.79 18.92
C ILE A 332 8.51 -0.30 18.86
N LEU A 333 7.89 0.51 19.71
CA LEU A 333 8.18 1.94 19.71
C LEU A 333 9.62 2.20 20.11
N ARG A 334 10.13 1.48 21.10
CA ARG A 334 11.55 1.56 21.44
C ARG A 334 12.42 1.20 20.25
N MET A 335 11.95 0.28 19.40
CA MET A 335 12.70 -0.13 18.22
C MET A 335 12.48 0.81 17.04
N LEU A 336 11.38 1.57 17.01
CA LEU A 336 11.14 2.53 15.96
C LEU A 336 11.45 3.96 16.39
N ASP A 337 12.47 4.13 17.22
CA ASP A 337 12.87 5.47 17.66
C ASP A 337 13.52 6.23 16.50
N TYR A 338 13.11 7.49 16.32
CA TYR A 338 13.73 8.31 15.28
C TYR A 338 15.20 8.53 15.53
N ASP A 339 15.61 8.61 16.80
CA ASP A 339 17.00 8.89 17.14
C ASP A 339 17.81 7.61 17.09
N PRO A 340 18.82 7.51 16.22
CA PRO A 340 19.67 6.31 16.21
C PRO A 340 20.42 6.09 17.51
N LYS A 341 20.68 7.16 18.27
CA LYS A 341 21.43 7.02 19.52
C LYS A 341 20.55 6.57 20.67
N THR A 342 19.27 6.94 20.67
CA THR A 342 18.35 6.52 21.72
C THR A 342 17.55 5.28 21.34
N ARG A 343 17.56 4.89 20.06
CA ARG A 343 16.91 3.64 19.66
C ARG A 343 17.47 2.48 20.47
N ILE A 344 16.58 1.58 20.88
CA ILE A 344 16.96 0.52 21.80
C ILE A 344 18.03 -0.36 21.18
N GLN A 345 19.01 -0.73 21.98
CA GLN A 345 20.10 -1.62 21.59
C GLN A 345 19.69 -3.07 21.83
N PRO A 346 20.34 -4.02 21.15
CA PRO A 346 19.91 -5.43 21.27
C PRO A 346 19.89 -5.95 22.70
N TYR A 347 20.91 -5.65 23.50
CA TYR A 347 20.94 -6.16 24.87
C TYR A 347 19.72 -5.68 25.65
N TYR A 348 19.47 -4.38 25.66
CA TYR A 348 18.34 -3.85 26.41
C TYR A 348 17.02 -4.24 25.78
N ALA A 349 17.00 -4.47 24.47
CA ALA A 349 15.80 -5.03 23.84
C ALA A 349 15.49 -6.41 24.40
N LEU A 350 16.54 -7.21 24.69
CA LEU A 350 16.31 -8.52 25.27
C LEU A 350 15.76 -8.44 26.69
N GLN A 351 16.11 -7.37 27.43
CA GLN A 351 15.63 -7.21 28.80
C GLN A 351 14.21 -6.65 28.88
N HIS A 352 13.56 -6.39 27.75
CA HIS A 352 12.24 -5.77 27.76
C HIS A 352 11.20 -6.71 28.35
N SER A 353 10.18 -6.11 28.98
CA SER A 353 9.14 -6.89 29.65
C SER A 353 8.40 -7.80 28.67
N PHE A 354 8.36 -7.43 27.39
CA PHE A 354 7.73 -8.29 26.39
C PHE A 354 8.39 -9.66 26.35
N PHE A 355 9.67 -9.74 26.73
CA PHE A 355 10.39 -11.01 26.79
C PHE A 355 10.36 -11.58 28.19
N ASP B 19 -0.68 32.77 -9.11
CA ASP B 19 0.29 32.45 -10.16
C ASP B 19 -0.25 31.40 -11.12
N ASN B 20 -0.82 30.33 -10.55
CA ASN B 20 -1.46 29.28 -11.34
C ASN B 20 -2.87 29.63 -11.75
N TYR B 21 -3.12 30.90 -12.05
CA TYR B 21 -4.43 31.39 -12.50
C TYR B 21 -5.51 31.15 -11.43
N ASP B 22 -5.17 31.40 -10.16
CA ASP B 22 -6.08 31.15 -9.06
C ASP B 22 -6.27 32.41 -8.23
N TYR B 23 -7.52 32.64 -7.82
CA TYR B 23 -7.86 33.83 -7.06
C TYR B 23 -7.39 33.69 -5.61
N ILE B 24 -6.77 34.76 -5.10
CA ILE B 24 -6.35 34.81 -3.70
C ILE B 24 -7.57 35.03 -2.83
N VAL B 25 -8.25 33.95 -2.46
CA VAL B 25 -9.47 34.05 -1.67
C VAL B 25 -9.13 34.67 -0.31
N LYS B 26 -9.74 35.82 -0.03
CA LYS B 26 -9.50 36.55 1.21
C LYS B 26 -10.80 36.62 2.00
N ASN B 27 -10.73 36.25 3.28
CA ASN B 27 -11.89 36.31 4.16
C ASN B 27 -12.48 37.70 4.19
N GLY B 28 -13.78 37.80 3.93
CA GLY B 28 -14.48 39.05 3.93
C GLY B 28 -14.56 39.74 2.58
N GLU B 29 -13.73 39.33 1.62
CA GLU B 29 -13.81 39.91 0.28
C GLU B 29 -15.17 39.64 -0.34
N LYS B 30 -16.06 40.62 -0.28
CA LYS B 30 -17.44 40.44 -0.74
C LYS B 30 -17.50 40.54 -2.25
N TRP B 31 -18.02 39.49 -2.88
CA TRP B 31 -18.19 39.44 -4.33
C TRP B 31 -19.61 39.86 -4.68
N MET B 32 -19.72 40.79 -5.62
CA MET B 32 -20.97 41.51 -5.86
C MET B 32 -21.43 42.12 -4.54
N ASP B 33 -22.73 42.36 -4.40
CA ASP B 33 -23.26 42.66 -3.07
C ASP B 33 -24.13 41.50 -2.64
N ARG B 34 -23.62 40.28 -2.83
CA ARG B 34 -24.40 39.07 -2.67
C ARG B 34 -23.68 38.05 -1.81
N TYR B 35 -22.41 37.80 -2.12
CA TYR B 35 -21.65 36.70 -1.52
C TYR B 35 -20.54 37.25 -0.64
N GLU B 36 -20.63 36.98 0.65
CA GLU B 36 -19.58 37.32 1.61
C GLU B 36 -18.68 36.10 1.77
N ILE B 37 -17.50 36.15 1.16
CA ILE B 37 -16.59 35.02 1.22
C ILE B 37 -16.15 34.80 2.66
N ASP B 38 -16.33 33.57 3.14
CA ASP B 38 -15.93 33.21 4.50
C ASP B 38 -14.58 32.51 4.51
N SER B 39 -14.47 31.37 3.82
CA SER B 39 -13.23 30.61 3.91
C SER B 39 -13.03 29.76 2.66
N LEU B 40 -11.85 29.14 2.57
CA LEU B 40 -11.51 28.22 1.50
C LEU B 40 -11.78 26.81 1.98
N ILE B 41 -12.62 26.08 1.25
CA ILE B 41 -13.06 24.76 1.67
C ILE B 41 -12.68 23.67 0.68
N GLY B 42 -11.85 23.99 -0.32
CA GLY B 42 -11.43 22.98 -1.28
C GLY B 42 -10.53 23.49 -2.38
N LYS B 43 -9.52 22.71 -2.74
CA LYS B 43 -8.58 23.07 -3.80
C LYS B 43 -8.46 21.93 -4.80
N GLY B 44 -7.96 22.27 -5.98
CA GLY B 44 -7.80 21.27 -7.03
C GLY B 44 -7.31 21.92 -8.30
N SER B 45 -7.23 21.09 -9.35
CA SER B 45 -6.80 21.59 -10.65
C SER B 45 -7.80 22.59 -11.22
N PHE B 46 -9.09 22.34 -11.01
CA PHE B 46 -10.13 23.25 -11.51
C PHE B 46 -9.95 24.66 -10.97
N GLY B 47 -9.42 24.79 -9.75
CA GLY B 47 -9.35 26.07 -9.08
C GLY B 47 -9.55 25.89 -7.59
N GLN B 48 -10.47 26.68 -7.01
CA GLN B 48 -10.73 26.60 -5.57
C GLN B 48 -12.23 26.54 -5.32
N VAL B 49 -12.60 26.20 -4.09
CA VAL B 49 -13.99 26.19 -3.66
C VAL B 49 -14.05 26.88 -2.31
N VAL B 50 -14.86 27.94 -2.21
CA VAL B 50 -14.93 28.76 -1.02
C VAL B 50 -16.32 28.67 -0.42
N LYS B 51 -16.38 28.57 0.90
CA LYS B 51 -17.61 28.75 1.65
C LYS B 51 -17.89 30.24 1.80
N ALA B 52 -19.09 30.66 1.37
CA ALA B 52 -19.50 32.05 1.42
C ALA B 52 -20.98 32.13 1.78
N TYR B 53 -21.44 33.35 2.05
CA TYR B 53 -22.82 33.59 2.48
C TYR B 53 -23.57 34.37 1.40
N ASP B 54 -24.50 33.69 0.74
CA ASP B 54 -25.48 34.32 -0.14
C ASP B 54 -26.39 35.21 0.71
N ARG B 55 -26.15 36.52 0.64
CA ARG B 55 -26.89 37.47 1.46
C ARG B 55 -28.32 37.69 0.97
N VAL B 56 -28.60 37.49 -0.31
CA VAL B 56 -29.97 37.57 -0.79
C VAL B 56 -30.76 36.33 -0.40
N GLU B 57 -30.33 35.16 -0.88
CA GLU B 57 -31.03 33.95 -0.45
C GLU B 57 -30.81 33.63 1.02
N GLN B 58 -30.02 34.43 1.73
CA GLN B 58 -29.77 34.26 3.16
C GLN B 58 -29.32 32.83 3.47
N GLU B 59 -28.47 32.30 2.60
CA GLU B 59 -28.10 30.89 2.66
C GLU B 59 -26.58 30.77 2.60
N TRP B 60 -26.06 29.72 3.22
CA TRP B 60 -24.64 29.39 3.05
C TRP B 60 -24.47 28.62 1.76
N VAL B 61 -23.51 29.03 0.94
CA VAL B 61 -23.28 28.41 -0.37
C VAL B 61 -21.80 28.14 -0.56
N ALA B 62 -21.51 27.29 -1.54
CA ALA B 62 -20.15 26.92 -1.91
C ALA B 62 -19.90 27.39 -3.34
N ILE B 63 -18.91 28.25 -3.51
CA ILE B 63 -18.59 28.83 -4.81
C ILE B 63 -17.33 28.15 -5.33
N LYS B 64 -17.46 27.46 -6.47
CA LYS B 64 -16.33 26.88 -7.18
C LYS B 64 -15.80 27.93 -8.15
N ILE B 65 -14.66 28.52 -7.82
CA ILE B 65 -13.98 29.47 -8.69
C ILE B 65 -13.03 28.70 -9.58
N ILE B 66 -13.25 28.78 -10.90
CA ILE B 66 -12.48 28.05 -11.89
C ILE B 66 -11.29 28.90 -12.31
N LYS B 67 -10.14 28.25 -12.49
CA LYS B 67 -8.89 28.94 -12.72
C LYS B 67 -8.97 29.87 -13.93
N ASN B 68 -8.19 30.95 -13.89
CA ASN B 68 -8.17 31.96 -14.95
C ASN B 68 -7.25 31.53 -16.09
N LYS B 69 -7.55 30.36 -16.63
CA LYS B 69 -6.91 29.84 -17.83
C LYS B 69 -7.97 29.32 -18.77
N LYS B 70 -7.60 29.20 -20.05
CA LYS B 70 -8.53 28.72 -21.06
C LYS B 70 -9.06 27.34 -20.71
N ALA B 71 -8.25 26.31 -20.93
CA ALA B 71 -8.67 24.91 -20.82
C ALA B 71 -9.59 24.66 -19.62
N PHE B 72 -9.20 25.19 -18.46
CA PHE B 72 -10.05 25.06 -17.27
C PHE B 72 -11.41 25.72 -17.52
N LEU B 73 -11.42 26.88 -18.17
CA LEU B 73 -12.68 27.58 -18.40
C LEU B 73 -13.57 26.83 -19.38
N ASN B 74 -13.00 26.28 -20.46
CA ASN B 74 -13.83 25.52 -21.40
C ASN B 74 -14.37 24.25 -20.77
N GLN B 75 -13.54 23.55 -19.98
CA GLN B 75 -14.03 22.37 -19.29
C GLN B 75 -15.12 22.72 -18.29
N ALA B 76 -14.97 23.86 -17.60
CA ALA B 76 -16.00 24.31 -16.67
C ALA B 76 -17.28 24.67 -17.40
N GLN B 77 -17.17 25.19 -18.62
CA GLN B 77 -18.35 25.43 -19.43
C GLN B 77 -19.05 24.13 -19.76
N ILE B 78 -18.27 23.09 -20.10
CA ILE B 78 -18.86 21.77 -20.32
C ILE B 78 -19.56 21.27 -19.06
N GLU B 79 -18.96 21.51 -17.91
CA GLU B 79 -19.56 21.06 -16.64
C GLU B 79 -20.85 21.79 -16.34
N VAL B 80 -20.86 23.11 -16.54
CA VAL B 80 -22.09 23.89 -16.33
C VAL B 80 -23.17 23.43 -17.31
N ARG B 81 -22.77 23.11 -18.54
CA ARG B 81 -23.72 22.57 -19.51
C ARG B 81 -24.35 21.28 -19.00
N LEU B 82 -23.52 20.36 -18.52
CA LEU B 82 -24.06 19.09 -18.02
C LEU B 82 -24.97 19.31 -16.80
N LEU B 83 -24.56 20.19 -15.89
CA LEU B 83 -25.37 20.45 -14.70
C LEU B 83 -26.69 21.12 -15.05
N GLU B 84 -26.71 21.92 -16.13
CA GLU B 84 -27.96 22.52 -16.58
C GLU B 84 -28.83 21.54 -17.34
N LEU B 85 -28.22 20.58 -18.05
CA LEU B 85 -28.99 19.48 -18.62
C LEU B 85 -29.64 18.66 -17.51
N MET B 86 -28.95 18.51 -16.39
CA MET B 86 -29.59 18.01 -15.18
C MET B 86 -30.56 19.06 -14.64
N ASN B 87 -31.50 18.60 -13.82
CA ASN B 87 -32.62 19.41 -13.31
C ASN B 87 -33.58 19.78 -14.42
N LYS B 88 -33.08 19.90 -15.66
CA LYS B 88 -33.97 20.03 -16.81
C LYS B 88 -34.84 18.78 -16.98
N HIS B 89 -34.30 17.61 -16.65
CA HIS B 89 -35.07 16.38 -16.60
C HIS B 89 -35.70 16.27 -15.21
N ASP B 90 -37.01 16.49 -15.14
CA ASP B 90 -37.73 16.53 -13.87
C ASP B 90 -37.90 15.12 -13.34
N THR B 91 -36.98 14.70 -12.48
CA THR B 91 -37.05 13.41 -11.81
C THR B 91 -36.46 13.56 -10.42
N GLU B 92 -37.07 12.89 -9.44
CA GLU B 92 -36.58 12.97 -8.06
C GLU B 92 -35.14 12.49 -7.96
N MET B 93 -34.75 11.55 -8.84
CA MET B 93 -33.37 11.07 -8.84
C MET B 93 -32.37 12.21 -9.03
N LYS B 94 -32.76 13.25 -9.77
CA LYS B 94 -31.89 14.40 -9.98
C LYS B 94 -31.53 15.12 -8.69
N TYR B 95 -32.16 14.77 -7.57
CA TYR B 95 -31.83 15.36 -6.29
C TYR B 95 -30.71 14.63 -5.55
N TYR B 96 -30.26 13.49 -6.08
CA TYR B 96 -29.06 12.85 -5.57
C TYR B 96 -27.79 13.49 -6.13
N ILE B 97 -27.94 14.52 -6.96
CA ILE B 97 -26.84 15.25 -7.56
C ILE B 97 -26.83 16.65 -6.96
N VAL B 98 -25.62 17.18 -6.70
CA VAL B 98 -25.52 18.54 -6.20
C VAL B 98 -26.22 19.50 -7.15
N HIS B 99 -26.93 20.47 -6.58
CA HIS B 99 -27.76 21.38 -7.35
C HIS B 99 -26.97 22.66 -7.64
N LEU B 100 -26.74 22.92 -8.92
CA LEU B 100 -26.08 24.16 -9.35
C LEU B 100 -27.06 25.31 -9.22
N LYS B 101 -26.85 26.18 -8.22
CA LYS B 101 -27.75 27.31 -8.02
C LYS B 101 -27.61 28.32 -9.15
N ARG B 102 -26.44 28.95 -9.27
CA ARG B 102 -26.17 29.89 -10.34
C ARG B 102 -24.71 29.75 -10.80
N HIS B 103 -24.39 30.48 -11.87
CA HIS B 103 -23.03 30.57 -12.38
C HIS B 103 -22.83 31.97 -12.93
N PHE B 104 -21.65 32.54 -12.65
CA PHE B 104 -21.37 33.90 -13.09
C PHE B 104 -19.87 34.06 -13.31
N MET B 105 -19.51 35.07 -14.10
CA MET B 105 -18.12 35.45 -14.30
C MET B 105 -17.77 36.59 -13.34
N PHE B 106 -16.60 36.48 -12.72
CA PHE B 106 -16.15 37.45 -11.73
C PHE B 106 -14.63 37.51 -11.80
N ARG B 107 -14.12 38.67 -12.21
CA ARG B 107 -12.67 38.91 -12.29
C ARG B 107 -11.97 37.80 -13.08
N ASN B 108 -12.47 37.56 -14.30
CA ASN B 108 -11.93 36.60 -15.25
C ASN B 108 -12.01 35.15 -14.77
N HIS B 109 -12.74 34.89 -13.69
CA HIS B 109 -12.95 33.53 -13.19
C HIS B 109 -14.41 33.13 -13.35
N LEU B 110 -14.64 31.89 -13.75
CA LEU B 110 -15.97 31.33 -13.82
C LEU B 110 -16.35 30.77 -12.45
N CYS B 111 -17.36 31.35 -11.83
CA CYS B 111 -17.79 30.94 -10.50
C CYS B 111 -19.09 30.16 -10.60
N LEU B 112 -19.12 28.97 -10.01
CA LEU B 112 -20.30 28.12 -9.97
C LEU B 112 -20.80 28.06 -8.52
N VAL B 113 -22.02 28.55 -8.30
CA VAL B 113 -22.61 28.54 -6.97
C VAL B 113 -23.33 27.23 -6.76
N PHE B 114 -23.13 26.62 -5.60
CA PHE B 114 -23.76 25.35 -5.25
C PHE B 114 -24.33 25.43 -3.85
N GLU B 115 -25.40 24.68 -3.63
CA GLU B 115 -25.91 24.46 -2.29
C GLU B 115 -24.78 23.96 -1.39
N MET B 116 -24.78 24.39 -0.13
CA MET B 116 -23.80 23.93 0.82
C MET B 116 -24.28 22.65 1.48
N LEU B 117 -23.43 21.62 1.44
CA LEU B 117 -23.75 20.32 2.00
C LEU B 117 -22.92 20.10 3.27
N SER B 118 -23.06 18.92 3.86
CA SER B 118 -22.39 18.62 5.13
C SER B 118 -20.95 18.17 4.89
N TYR B 119 -20.55 17.06 5.51
CA TYR B 119 -19.20 16.53 5.36
C TYR B 119 -19.20 15.38 4.35
N ASN B 120 -18.01 15.06 3.84
CA ASN B 120 -17.88 14.01 2.85
C ASN B 120 -17.71 12.64 3.52
N LEU B 121 -17.86 11.59 2.71
CA LEU B 121 -17.76 10.23 3.24
C LEU B 121 -16.36 9.93 3.76
N TYR B 122 -15.33 10.56 3.19
CA TYR B 122 -13.99 10.35 3.72
C TYR B 122 -13.85 10.97 5.10
N ASP B 123 -14.49 12.12 5.33
CA ASP B 123 -14.54 12.68 6.68
C ASP B 123 -15.33 11.78 7.61
N LEU B 124 -16.37 11.12 7.11
CA LEU B 124 -17.08 10.12 7.89
C LEU B 124 -16.12 9.00 8.31
N LEU B 125 -15.32 8.52 7.36
CA LEU B 125 -14.33 7.49 7.67
C LEU B 125 -13.35 7.96 8.73
N ARG B 126 -12.82 9.15 8.55
CA ARG B 126 -11.90 9.72 9.55
C ARG B 126 -12.57 9.83 10.90
N ASN B 127 -13.89 10.03 10.93
CA ASN B 127 -14.61 10.06 12.20
C ASN B 127 -14.72 8.67 12.82
N THR B 128 -14.87 7.62 12.01
CA THR B 128 -14.80 6.25 12.52
C THR B 128 -13.39 5.81 12.83
N ASN B 129 -12.41 6.72 12.75
CA ASN B 129 -10.99 6.37 12.81
C ASN B 129 -10.66 5.27 11.80
N PHE B 130 -11.31 5.35 10.63
CA PHE B 130 -11.11 4.42 9.53
C PHE B 130 -11.42 2.98 9.93
N ARG B 131 -12.35 2.81 10.87
CA ARG B 131 -12.90 1.50 11.17
C ARG B 131 -14.09 1.14 10.29
N GLY B 132 -14.63 2.11 9.57
CA GLY B 132 -15.74 1.86 8.65
C GLY B 132 -17.09 2.05 9.30
N VAL B 133 -18.07 2.37 8.47
CA VAL B 133 -19.46 2.52 8.91
C VAL B 133 -20.15 1.18 8.76
N SER B 134 -21.36 1.06 9.33
CA SER B 134 -22.08 -0.21 9.30
C SER B 134 -22.55 -0.53 7.89
N LEU B 135 -22.76 -1.82 7.65
CA LEU B 135 -23.30 -2.26 6.36
C LEU B 135 -24.72 -1.78 6.12
N ASN B 136 -25.46 -1.43 7.18
CA ASN B 136 -26.76 -0.79 6.96
C ASN B 136 -26.57 0.61 6.39
N LEU B 137 -25.63 1.36 6.95
CA LEU B 137 -25.31 2.68 6.41
C LEU B 137 -24.73 2.57 5.01
N THR B 138 -23.82 1.61 4.81
CA THR B 138 -23.28 1.35 3.47
C THR B 138 -24.40 0.98 2.51
N ARG B 139 -25.38 0.20 2.97
CA ARG B 139 -26.58 -0.11 2.20
C ARG B 139 -27.26 1.15 1.70
N LYS B 140 -27.65 2.00 2.65
CA LYS B 140 -28.35 3.23 2.32
C LYS B 140 -27.56 4.03 1.28
N PHE B 141 -26.28 4.29 1.57
CA PHE B 141 -25.44 5.05 0.64
C PHE B 141 -25.43 4.43 -0.74
N ALA B 142 -25.21 3.11 -0.82
CA ALA B 142 -25.10 2.44 -2.12
C ALA B 142 -26.41 2.52 -2.89
N GLN B 143 -27.54 2.46 -2.20
CA GLN B 143 -28.83 2.60 -2.88
C GLN B 143 -28.96 3.99 -3.49
N GLN B 144 -28.65 5.04 -2.72
CA GLN B 144 -28.69 6.39 -3.28
C GLN B 144 -27.74 6.52 -4.47
N MET B 145 -26.58 5.89 -4.38
CA MET B 145 -25.58 6.03 -5.44
C MET B 145 -26.02 5.31 -6.71
N CYS B 146 -26.61 4.12 -6.57
CA CYS B 146 -27.11 3.42 -7.75
C CYS B 146 -28.27 4.18 -8.38
N THR B 147 -29.14 4.78 -7.57
CA THR B 147 -30.21 5.61 -8.12
C THR B 147 -29.64 6.78 -8.91
N ALA B 148 -28.61 7.43 -8.37
CA ALA B 148 -28.05 8.57 -9.07
C ALA B 148 -27.29 8.16 -10.33
N LEU B 149 -26.66 6.98 -10.32
CA LEU B 149 -26.05 6.47 -11.54
C LEU B 149 -27.10 6.14 -12.60
N LEU B 150 -28.24 5.59 -12.17
CA LEU B 150 -29.35 5.34 -13.09
C LEU B 150 -29.83 6.66 -13.70
N PHE B 151 -29.90 7.71 -12.89
CA PHE B 151 -30.26 9.03 -13.43
C PHE B 151 -29.20 9.52 -14.41
N LEU B 152 -27.92 9.30 -14.10
CA LEU B 152 -26.85 9.68 -15.01
C LEU B 152 -26.86 8.86 -16.29
N ALA B 153 -27.56 7.73 -16.31
CA ALA B 153 -27.56 6.84 -17.46
C ALA B 153 -28.63 7.16 -18.49
N THR B 154 -29.58 8.07 -18.19
CA THR B 154 -30.66 8.39 -19.10
C THR B 154 -30.11 8.71 -20.49
N PRO B 155 -30.48 7.94 -21.53
CA PRO B 155 -29.84 8.07 -22.86
C PRO B 155 -29.67 9.50 -23.34
N GLU B 156 -30.61 10.38 -23.02
CA GLU B 156 -30.46 11.79 -23.38
C GLU B 156 -29.24 12.39 -22.69
N LEU B 157 -29.15 12.25 -21.37
CA LEU B 157 -27.99 12.71 -20.63
C LEU B 157 -26.80 11.79 -20.91
N SER B 158 -26.83 10.58 -20.35
CA SER B 158 -25.79 9.59 -20.55
C SER B 158 -24.40 10.16 -20.26
N ILE B 159 -24.26 10.71 -19.06
CA ILE B 159 -23.05 11.41 -18.64
C ILE B 159 -22.26 10.50 -17.71
N ILE B 160 -20.96 10.36 -17.99
CA ILE B 160 -20.05 9.61 -17.14
C ILE B 160 -19.39 10.59 -16.17
N HIS B 161 -19.52 10.32 -14.88
CA HIS B 161 -19.02 11.24 -13.86
C HIS B 161 -17.50 11.29 -13.86
N CYS B 162 -16.84 10.15 -14.07
CA CYS B 162 -15.40 10.02 -14.26
C CYS B 162 -14.58 10.40 -13.03
N ASP B 163 -15.21 10.59 -11.88
CA ASP B 163 -14.44 10.85 -10.67
C ASP B 163 -15.26 10.52 -9.42
N LEU B 164 -15.66 9.27 -9.27
CA LEU B 164 -16.34 8.84 -8.06
C LEU B 164 -15.31 8.54 -6.99
N LYS B 165 -15.48 9.17 -5.82
CA LYS B 165 -14.56 9.01 -4.70
C LYS B 165 -15.30 9.42 -3.44
N PRO B 166 -14.95 8.86 -2.29
CA PRO B 166 -15.66 9.22 -1.04
C PRO B 166 -15.68 10.71 -0.75
N GLU B 167 -14.68 11.45 -1.22
CA GLU B 167 -14.66 12.90 -1.02
C GLU B 167 -15.67 13.61 -1.92
N ASN B 168 -16.10 12.99 -3.00
CA ASN B 168 -17.04 13.59 -3.95
C ASN B 168 -18.48 13.19 -3.67
N ILE B 169 -18.74 12.53 -2.56
CA ILE B 169 -20.09 12.16 -2.13
C ILE B 169 -20.32 12.86 -0.80
N LEU B 170 -21.26 13.80 -0.78
CA LEU B 170 -21.42 14.70 0.35
C LEU B 170 -22.74 14.43 1.06
N LEU B 171 -22.67 14.23 2.37
CA LEU B 171 -23.90 14.11 3.16
C LEU B 171 -24.70 15.40 3.09
N CYS B 172 -26.03 15.26 3.11
CA CYS B 172 -26.89 16.44 3.04
C CYS B 172 -26.99 17.14 4.38
N ASN B 173 -27.07 16.37 5.46
CA ASN B 173 -27.07 16.88 6.83
C ASN B 173 -26.31 15.91 7.70
N PRO B 174 -25.59 16.41 8.71
CA PRO B 174 -24.79 15.50 9.56
C PRO B 174 -25.61 14.39 10.21
N LYS B 175 -26.87 14.67 10.55
CA LYS B 175 -27.70 13.65 11.19
C LYS B 175 -28.27 12.66 10.19
N ARG B 176 -28.83 13.15 9.10
CA ARG B 176 -29.48 12.29 8.12
C ARG B 176 -28.46 11.48 7.33
N SER B 177 -28.96 10.44 6.67
CA SER B 177 -28.13 9.55 5.86
C SER B 177 -28.25 9.84 4.36
N ALA B 178 -28.80 11.01 4.00
CA ALA B 178 -28.93 11.38 2.61
C ALA B 178 -27.62 11.95 2.07
N ILE B 179 -27.35 11.67 0.80
CA ILE B 179 -26.11 12.09 0.16
C ILE B 179 -26.42 12.69 -1.19
N LYS B 180 -25.43 13.42 -1.72
CA LYS B 180 -25.49 13.98 -3.06
C LYS B 180 -24.12 13.86 -3.71
N ILE B 181 -24.11 13.68 -5.02
CA ILE B 181 -22.86 13.57 -5.76
C ILE B 181 -22.42 14.96 -6.22
N VAL B 182 -21.14 15.24 -6.04
CA VAL B 182 -20.55 16.53 -6.37
C VAL B 182 -19.38 16.30 -7.32
N ASP B 183 -18.80 17.40 -7.79
CA ASP B 183 -17.64 17.41 -8.68
C ASP B 183 -17.89 16.65 -9.98
N PHE B 184 -18.57 17.29 -10.92
CA PHE B 184 -18.72 16.80 -12.27
C PHE B 184 -17.73 17.47 -13.23
N GLY B 185 -16.61 17.97 -12.69
CA GLY B 185 -15.67 18.70 -13.53
C GLY B 185 -15.09 17.85 -14.65
N SER B 186 -14.58 16.68 -14.30
CA SER B 186 -14.06 15.74 -15.30
C SER B 186 -15.15 14.92 -15.96
N SER B 187 -16.41 15.16 -15.62
CA SER B 187 -17.50 14.39 -16.20
C SER B 187 -17.65 14.68 -17.69
N CYS B 188 -18.36 13.78 -18.38
CA CYS B 188 -18.57 13.91 -19.81
C CYS B 188 -19.73 13.00 -20.21
N GLN B 189 -20.34 13.33 -21.34
CA GLN B 189 -21.43 12.53 -21.87
C GLN B 189 -20.88 11.40 -22.74
N LEU B 190 -21.75 10.44 -23.07
CA LEU B 190 -21.35 9.32 -23.89
C LEU B 190 -20.89 9.80 -25.27
N GLY B 191 -19.79 9.24 -25.74
CA GLY B 191 -19.25 9.63 -27.03
C GLY B 191 -18.33 10.83 -26.93
N GLN B 192 -18.64 11.77 -26.05
CA GLN B 192 -17.82 12.96 -25.87
C GLN B 192 -16.37 12.59 -25.58
N ARG B 193 -16.16 11.79 -24.54
CA ARG B 193 -14.87 11.17 -24.21
C ARG B 193 -13.71 12.14 -24.43
N ILE B 194 -13.78 13.27 -23.72
CA ILE B 194 -12.91 14.40 -23.99
C ILE B 194 -11.44 14.08 -23.74
N TYR B 195 -11.15 13.02 -22.98
CA TYR B 195 -9.76 12.71 -22.66
C TYR B 195 -9.66 11.28 -22.14
N GLN B 196 -8.43 10.76 -22.19
CA GLN B 196 -8.09 9.52 -21.49
C GLN B 196 -7.44 9.91 -20.16
N PTR B 197 -6.68 8.99 -19.57
CA PTR B 197 -6.11 9.16 -18.22
C PTR B 197 -7.10 9.85 -17.29
O PTR B 197 -6.85 10.94 -16.79
CB PTR B 197 -4.79 9.94 -18.23
CG PTR B 197 -4.00 9.84 -16.94
CD1 PTR B 197 -3.96 10.89 -16.03
CD2 PTR B 197 -3.26 8.70 -16.64
CE1 PTR B 197 -3.24 10.80 -14.86
CE2 PTR B 197 -2.54 8.60 -15.47
CZ PTR B 197 -2.53 9.64 -14.58
OH PTR B 197 -1.84 9.56 -13.48
P PTR B 197 -2.50 9.17 -12.05
O1P PTR B 197 -1.53 9.53 -10.99
O2P PTR B 197 -3.80 9.96 -11.85
O3P PTR B 197 -2.78 7.66 -12.00
N ILE B 198 -8.25 9.22 -17.10
CA ILE B 198 -9.31 9.78 -16.28
C ILE B 198 -9.42 8.98 -14.99
N GLN B 199 -10.35 9.41 -14.13
CA GLN B 199 -10.71 8.69 -12.91
C GLN B 199 -9.59 8.74 -11.87
N SER B 200 -9.96 8.76 -10.60
CA SER B 200 -8.98 8.72 -9.53
C SER B 200 -8.46 7.29 -9.39
N ARG B 201 -7.14 7.15 -9.24
CA ARG B 201 -6.48 5.86 -9.34
C ARG B 201 -7.16 4.79 -8.51
N PHE B 202 -7.35 5.05 -7.21
CA PHE B 202 -7.96 4.06 -6.31
C PHE B 202 -9.28 3.55 -6.84
N TYR B 203 -9.96 4.34 -7.67
CA TYR B 203 -11.28 4.02 -8.17
C TYR B 203 -11.32 3.99 -9.70
N ARG B 204 -10.16 3.97 -10.35
CA ARG B 204 -10.08 3.88 -11.80
C ARG B 204 -10.38 2.46 -12.27
N SER B 205 -11.14 2.35 -13.34
CA SER B 205 -11.51 1.04 -13.87
C SER B 205 -10.39 0.49 -14.76
N PRO B 206 -10.30 -0.83 -14.90
CA PRO B 206 -9.16 -1.41 -15.64
C PRO B 206 -9.14 -1.04 -17.11
N GLU B 207 -10.30 -0.77 -17.72
CA GLU B 207 -10.33 -0.41 -19.13
C GLU B 207 -9.62 0.92 -19.36
N VAL B 208 -9.75 1.86 -18.42
CA VAL B 208 -9.00 3.11 -18.53
C VAL B 208 -7.52 2.87 -18.26
N LEU B 209 -7.21 1.98 -17.32
CA LEU B 209 -5.82 1.63 -17.07
C LEU B 209 -5.22 0.93 -18.29
N LEU B 210 -6.04 0.22 -19.06
CA LEU B 210 -5.57 -0.51 -20.24
C LEU B 210 -5.67 0.32 -21.52
N GLY B 211 -6.06 1.59 -21.43
CA GLY B 211 -6.17 2.43 -22.61
C GLY B 211 -7.26 2.02 -23.57
N MET B 212 -8.39 1.55 -23.05
CA MET B 212 -9.48 1.01 -23.85
C MET B 212 -10.67 1.96 -23.87
N PRO B 213 -11.55 1.85 -24.87
CA PRO B 213 -12.76 2.69 -24.88
C PRO B 213 -13.62 2.47 -23.66
N TYR B 214 -13.70 3.47 -22.80
CA TYR B 214 -14.46 3.38 -21.56
C TYR B 214 -15.91 3.83 -21.79
N ASP B 215 -16.75 3.56 -20.79
CA ASP B 215 -18.17 3.85 -20.88
C ASP B 215 -18.68 4.17 -19.48
N LEU B 216 -20.01 4.19 -19.33
CA LEU B 216 -20.65 4.51 -18.06
C LEU B 216 -20.46 3.44 -17.00
N ALA B 217 -19.78 2.33 -17.32
CA ALA B 217 -19.53 1.29 -16.33
C ALA B 217 -18.34 1.61 -15.42
N ILE B 218 -17.48 2.54 -15.85
CA ILE B 218 -16.35 2.94 -15.01
C ILE B 218 -16.85 3.57 -13.71
N ASP B 219 -17.96 4.31 -13.80
CA ASP B 219 -18.59 4.83 -12.60
C ASP B 219 -19.04 3.70 -11.68
N MET B 220 -19.55 2.61 -12.27
CA MET B 220 -19.97 1.46 -11.47
C MET B 220 -18.77 0.80 -10.77
N TRP B 221 -17.65 0.67 -11.49
CA TRP B 221 -16.43 0.13 -10.89
C TRP B 221 -15.98 0.99 -9.72
N SER B 222 -15.88 2.30 -9.94
CA SER B 222 -15.55 3.22 -8.86
C SER B 222 -16.51 3.05 -7.69
N LEU B 223 -17.80 2.90 -7.98
CA LEU B 223 -18.80 2.72 -6.94
C LEU B 223 -18.49 1.50 -6.10
N GLY B 224 -18.20 0.36 -6.73
CA GLY B 224 -17.87 -0.83 -5.97
C GLY B 224 -16.68 -0.63 -5.05
N CYS B 225 -15.65 0.04 -5.57
CA CYS B 225 -14.48 0.34 -4.73
C CYS B 225 -14.88 1.19 -3.53
N ILE B 226 -15.68 2.23 -3.76
CA ILE B 226 -16.12 3.10 -2.67
C ILE B 226 -16.94 2.31 -1.65
N LEU B 227 -17.80 1.41 -2.14
CA LEU B 227 -18.64 0.62 -1.26
C LEU B 227 -17.80 -0.23 -0.32
N VAL B 228 -16.79 -0.92 -0.86
CA VAL B 228 -15.91 -1.71 0.00
C VAL B 228 -15.20 -0.80 1.00
N GLU B 229 -14.62 0.31 0.52
CA GLU B 229 -13.89 1.21 1.40
C GLU B 229 -14.77 1.76 2.51
N MET B 230 -16.08 1.88 2.27
CA MET B 230 -16.94 2.50 3.27
C MET B 230 -17.10 1.60 4.50
N HIS B 231 -17.16 0.29 4.29
CA HIS B 231 -17.27 -0.62 5.42
C HIS B 231 -15.93 -1.00 6.01
N THR B 232 -14.91 -1.26 5.17
CA THR B 232 -13.61 -1.61 5.72
C THR B 232 -12.92 -0.42 6.36
N GLY B 233 -13.14 0.78 5.83
CA GLY B 233 -12.47 1.97 6.30
C GLY B 233 -11.21 2.34 5.55
N GLU B 234 -10.72 1.47 4.67
CA GLU B 234 -9.52 1.67 3.89
C GLU B 234 -9.83 1.41 2.43
N PRO B 235 -9.06 1.99 1.51
CA PRO B 235 -9.34 1.77 0.08
C PRO B 235 -9.01 0.35 -0.32
N LEU B 236 -9.89 -0.23 -1.15
CA LEU B 236 -9.69 -1.61 -1.60
C LEU B 236 -8.43 -1.74 -2.44
N PHE B 237 -8.22 -0.82 -3.37
CA PHE B 237 -7.08 -0.85 -4.28
C PHE B 237 -6.29 0.45 -4.08
N SER B 238 -5.34 0.42 -3.14
CA SER B 238 -4.55 1.60 -2.82
C SER B 238 -3.30 1.68 -3.69
N GLY B 239 -3.52 1.74 -5.00
CA GLY B 239 -2.41 1.73 -5.94
C GLY B 239 -1.66 3.05 -5.91
N ALA B 240 -0.33 2.97 -5.86
CA ALA B 240 0.50 4.17 -5.86
C ALA B 240 0.71 4.73 -7.26
N ASN B 241 0.67 3.86 -8.27
CA ASN B 241 0.74 4.29 -9.66
C ASN B 241 -0.13 3.34 -10.48
N GLU B 242 -0.14 3.56 -11.80
CA GLU B 242 -0.97 2.75 -12.69
C GLU B 242 -0.63 1.27 -12.57
N VAL B 243 0.68 0.95 -12.58
CA VAL B 243 1.09 -0.45 -12.49
C VAL B 243 0.77 -1.03 -11.11
N ASP B 244 1.05 -0.27 -10.05
CA ASP B 244 0.70 -0.73 -8.71
C ASP B 244 -0.81 -0.88 -8.56
N GLN B 245 -1.57 0.03 -9.16
CA GLN B 245 -3.03 -0.09 -9.13
C GLN B 245 -3.48 -1.38 -9.78
N MET B 246 -2.98 -1.66 -11.00
CA MET B 246 -3.36 -2.88 -11.69
C MET B 246 -2.96 -4.12 -10.90
N ASN B 247 -1.79 -4.09 -10.27
CA ASN B 247 -1.33 -5.24 -9.51
C ASN B 247 -2.21 -5.49 -8.28
N LYS B 248 -2.56 -4.42 -7.55
CA LYS B 248 -3.46 -4.58 -6.41
C LYS B 248 -4.86 -4.99 -6.85
N ILE B 249 -5.25 -4.62 -8.08
CA ILE B 249 -6.53 -5.10 -8.62
C ILE B 249 -6.48 -6.60 -8.84
N VAL B 250 -5.47 -7.07 -9.57
CA VAL B 250 -5.34 -8.50 -9.86
C VAL B 250 -5.11 -9.31 -8.60
N GLU B 251 -4.59 -8.69 -7.54
CA GLU B 251 -4.44 -9.38 -6.26
C GLU B 251 -5.78 -9.92 -5.78
N VAL B 252 -6.87 -9.21 -6.05
CA VAL B 252 -8.19 -9.56 -5.55
C VAL B 252 -9.01 -10.24 -6.63
N LEU B 253 -8.83 -9.81 -7.88
CA LEU B 253 -9.70 -10.23 -8.96
C LEU B 253 -9.03 -11.16 -9.97
N GLY B 254 -7.72 -11.37 -9.89
CA GLY B 254 -7.03 -12.24 -10.80
C GLY B 254 -6.69 -11.57 -12.12
N ILE B 255 -5.93 -12.29 -12.95
CA ILE B 255 -5.56 -11.76 -14.27
C ILE B 255 -6.81 -11.57 -15.11
N PRO B 256 -6.98 -10.44 -15.80
CA PRO B 256 -8.23 -10.19 -16.52
C PRO B 256 -8.43 -11.17 -17.66
N PRO B 257 -9.67 -11.36 -18.10
CA PRO B 257 -9.94 -12.31 -19.20
C PRO B 257 -9.18 -11.90 -20.47
N ALA B 258 -8.45 -12.87 -21.01
CA ALA B 258 -7.54 -12.62 -22.13
C ALA B 258 -8.24 -12.00 -23.35
N HIS B 259 -9.55 -12.19 -23.50
CA HIS B 259 -10.26 -11.60 -24.63
C HIS B 259 -10.33 -10.08 -24.56
N ILE B 260 -9.89 -9.48 -23.46
CA ILE B 260 -9.81 -8.03 -23.34
C ILE B 260 -8.37 -7.54 -23.45
N LEU B 261 -7.42 -8.30 -22.90
CA LEU B 261 -6.02 -7.93 -22.99
C LEU B 261 -5.52 -7.97 -24.43
N ASP B 262 -6.08 -8.88 -25.24
CA ASP B 262 -5.73 -8.91 -26.66
C ASP B 262 -6.15 -7.63 -27.36
N GLN B 263 -7.15 -6.92 -26.84
CA GLN B 263 -7.57 -5.64 -27.39
C GLN B 263 -6.99 -4.45 -26.65
N ALA B 264 -6.46 -4.65 -25.45
CA ALA B 264 -5.98 -3.54 -24.64
C ALA B 264 -4.69 -2.96 -25.24
N PRO B 265 -4.66 -1.68 -25.60
CA PRO B 265 -3.41 -1.11 -26.13
C PRO B 265 -2.26 -1.13 -25.15
N LYS B 266 -2.49 -0.71 -23.91
CA LYS B 266 -1.46 -0.69 -22.88
C LYS B 266 -1.41 -1.99 -22.08
N ALA B 267 -1.83 -3.11 -22.68
CA ALA B 267 -1.82 -4.39 -21.97
C ALA B 267 -0.40 -4.77 -21.58
N ARG B 268 0.55 -4.65 -22.51
CA ARG B 268 1.94 -4.99 -22.25
C ARG B 268 2.60 -4.03 -21.27
N LYS B 269 1.91 -2.99 -20.81
CA LYS B 269 2.42 -2.16 -19.73
C LYS B 269 2.27 -2.83 -18.37
N PHE B 270 1.35 -3.78 -18.23
CA PHE B 270 1.15 -4.51 -16.99
C PHE B 270 1.36 -6.01 -17.11
N PHE B 271 1.24 -6.58 -18.31
CA PHE B 271 1.19 -8.03 -18.45
C PHE B 271 2.16 -8.50 -19.54
N GLU B 272 2.36 -9.81 -19.57
CA GLU B 272 3.19 -10.48 -20.56
C GLU B 272 2.42 -11.65 -21.15
N LYS B 273 2.46 -11.78 -22.48
CA LYS B 273 1.85 -12.90 -23.18
C LYS B 273 2.89 -14.01 -23.27
N LEU B 274 2.81 -14.96 -22.35
CA LEU B 274 3.80 -16.01 -22.24
C LEU B 274 3.76 -16.93 -23.47
N PRO B 275 4.80 -17.73 -23.68
CA PRO B 275 4.77 -18.68 -24.81
C PRO B 275 3.60 -19.64 -24.78
N ASP B 276 3.04 -19.92 -23.61
CA ASP B 276 1.81 -20.71 -23.56
C ASP B 276 0.62 -19.99 -24.17
N GLY B 277 0.77 -18.71 -24.50
CA GLY B 277 -0.34 -17.90 -24.96
C GLY B 277 -1.11 -17.22 -23.86
N THR B 278 -1.05 -17.75 -22.64
CA THR B 278 -1.73 -17.14 -21.51
C THR B 278 -1.07 -15.82 -21.13
N TRP B 279 -1.87 -14.92 -20.58
CA TRP B 279 -1.35 -13.67 -20.04
C TRP B 279 -1.00 -13.84 -18.57
N ASN B 280 0.06 -13.15 -18.16
CA ASN B 280 0.51 -13.23 -16.78
C ASN B 280 1.06 -11.87 -16.37
N LEU B 281 1.31 -11.72 -15.07
CA LEU B 281 1.91 -10.49 -14.56
C LEU B 281 3.39 -10.42 -14.96
N LYS B 282 3.92 -9.20 -14.92
CA LYS B 282 5.35 -8.97 -15.02
C LYS B 282 5.88 -8.70 -13.61
N LYS B 283 6.97 -9.39 -13.25
CA LYS B 283 7.45 -9.34 -11.88
C LYS B 283 8.93 -9.01 -11.78
N THR B 284 9.51 -9.23 -10.60
CA THR B 284 10.93 -9.02 -10.31
C THR B 284 11.31 -7.55 -10.40
N LYS B 285 12.56 -7.23 -10.04
CA LYS B 285 13.04 -5.86 -10.06
C LYS B 285 14.01 -5.64 -11.23
N GLY B 287 14.01 -11.05 -6.35
CA GLY B 287 14.43 -9.67 -6.20
C GLY B 287 13.48 -8.86 -5.34
N LYS B 288 12.69 -8.00 -5.99
CA LYS B 288 11.66 -7.25 -5.28
C LYS B 288 10.58 -8.21 -4.78
N ARG B 289 9.78 -7.73 -3.83
CA ARG B 289 8.68 -8.55 -3.33
C ARG B 289 7.61 -8.70 -4.40
N GLU B 290 7.03 -9.90 -4.47
CA GLU B 290 5.99 -10.19 -5.44
C GLU B 290 4.62 -9.94 -4.82
N TYR B 291 3.72 -9.35 -5.59
CA TYR B 291 2.35 -9.14 -5.14
C TYR B 291 1.71 -10.49 -4.82
N LYS B 292 0.65 -10.42 -4.02
CA LYS B 292 -0.08 -11.64 -3.69
C LYS B 292 -0.56 -12.32 -4.97
N PRO B 293 -0.53 -13.65 -5.04
CA PRO B 293 -0.86 -14.32 -6.28
C PRO B 293 -2.25 -13.95 -6.76
N PRO B 294 -2.48 -13.96 -8.07
CA PRO B 294 -3.75 -13.45 -8.60
C PRO B 294 -4.96 -14.18 -8.02
N GLY B 295 -5.91 -13.40 -7.50
CA GLY B 295 -7.13 -13.95 -6.97
C GLY B 295 -7.02 -14.54 -5.58
N THR B 296 -5.87 -14.42 -4.92
CA THR B 296 -5.70 -15.00 -3.59
C THR B 296 -6.14 -14.04 -2.48
N ARG B 297 -6.08 -12.74 -2.71
CA ARG B 297 -6.61 -11.76 -1.77
C ARG B 297 -8.13 -11.75 -1.91
N LYS B 298 -8.77 -12.75 -1.32
CA LYS B 298 -10.21 -12.93 -1.49
C LYS B 298 -10.97 -11.81 -0.79
N LEU B 299 -11.91 -11.20 -1.51
CA LEU B 299 -12.71 -10.14 -0.94
C LEU B 299 -13.61 -10.63 0.20
N HIS B 300 -13.94 -11.93 0.21
CA HIS B 300 -14.64 -12.50 1.36
C HIS B 300 -13.88 -12.22 2.64
N ASN B 301 -12.58 -12.51 2.64
CA ASN B 301 -11.77 -12.27 3.83
C ASN B 301 -11.55 -10.79 4.09
N ILE B 302 -11.63 -9.94 3.05
CA ILE B 302 -11.53 -8.50 3.27
C ILE B 302 -12.78 -8.01 3.99
N LEU B 303 -13.96 -8.49 3.59
CA LEU B 303 -15.21 -8.11 4.23
C LEU B 303 -15.40 -8.79 5.59
N GLY B 304 -14.61 -9.83 5.89
CA GLY B 304 -14.76 -10.54 7.14
C GLY B 304 -16.12 -11.19 7.29
N VAL B 305 -16.50 -12.00 6.30
CA VAL B 305 -17.84 -12.61 6.30
C VAL B 305 -17.99 -13.54 7.50
N GLU B 306 -17.16 -14.59 7.56
CA GLU B 306 -17.26 -15.55 8.66
C GLU B 306 -16.74 -14.99 9.97
N THR B 307 -15.91 -13.95 9.92
CA THR B 307 -15.46 -13.28 11.13
C THR B 307 -16.49 -12.23 11.52
N GLY B 308 -16.16 -11.40 12.52
CA GLY B 308 -17.06 -10.34 12.92
C GLY B 308 -16.92 -9.10 12.06
N GLY B 309 -16.99 -9.29 10.74
CA GLY B 309 -16.83 -8.19 9.81
C GLY B 309 -15.40 -7.74 9.71
N PRO B 310 -15.18 -6.53 9.18
CA PRO B 310 -13.83 -5.97 9.15
C PRO B 310 -13.27 -5.80 10.55
N GLY B 311 -12.09 -6.37 10.78
CA GLY B 311 -11.45 -6.30 12.08
C GLY B 311 -12.14 -7.08 13.18
N GLY B 312 -13.15 -7.90 12.85
CA GLY B 312 -13.87 -8.64 13.86
C GLY B 312 -14.62 -7.78 14.84
N ARG B 313 -14.96 -6.55 14.47
CA ARG B 313 -15.62 -5.62 15.36
C ARG B 313 -17.14 -5.65 15.24
N ARG B 314 -17.68 -6.25 14.18
CA ARG B 314 -19.11 -6.28 13.92
C ARG B 314 -19.75 -7.61 14.34
N ALA B 315 -19.09 -8.35 15.23
CA ALA B 315 -19.64 -9.63 15.68
C ALA B 315 -20.90 -9.41 16.51
N GLY B 316 -21.98 -10.07 16.12
CA GLY B 316 -23.25 -9.95 16.80
C GLY B 316 -24.04 -8.71 16.49
N GLU B 317 -23.43 -7.71 15.84
CA GLU B 317 -24.17 -6.50 15.49
C GLU B 317 -25.23 -6.82 14.44
N SER B 318 -26.41 -6.22 14.62
CA SER B 318 -27.55 -6.53 13.76
C SER B 318 -27.26 -6.13 12.31
N GLY B 319 -27.93 -6.81 11.39
CA GLY B 319 -27.72 -6.57 9.97
C GLY B 319 -26.36 -6.96 9.45
N HIS B 320 -25.57 -7.70 10.22
CA HIS B 320 -24.22 -8.09 9.84
C HIS B 320 -24.04 -9.61 9.92
N THR B 321 -25.09 -10.35 9.56
CA THR B 321 -24.98 -11.79 9.51
C THR B 321 -24.18 -12.21 8.28
N VAL B 322 -23.83 -13.50 8.23
CA VAL B 322 -23.06 -14.01 7.10
C VAL B 322 -23.84 -13.85 5.80
N ALA B 323 -25.17 -13.96 5.87
CA ALA B 323 -26.00 -13.79 4.67
C ALA B 323 -25.88 -12.38 4.10
N ASP B 324 -26.01 -11.36 4.96
CA ASP B 324 -25.92 -9.98 4.49
C ASP B 324 -24.56 -9.69 3.89
N TYR B 325 -23.49 -10.21 4.52
CA TYR B 325 -22.15 -10.00 3.99
C TYR B 325 -21.96 -10.70 2.65
N LEU B 326 -22.53 -11.90 2.50
CA LEU B 326 -22.44 -12.59 1.22
C LEU B 326 -23.21 -11.84 0.13
N LYS B 327 -24.35 -11.27 0.48
CA LYS B 327 -25.11 -10.47 -0.49
C LYS B 327 -24.32 -9.23 -0.90
N PHE B 328 -23.70 -8.56 0.07
CA PHE B 328 -22.85 -7.41 -0.23
C PHE B 328 -21.68 -7.80 -1.13
N LYS B 329 -21.06 -8.94 -0.85
CA LYS B 329 -19.92 -9.39 -1.64
C LYS B 329 -20.34 -9.73 -3.07
N ASP B 330 -21.50 -10.37 -3.23
CA ASP B 330 -22.01 -10.63 -4.57
C ASP B 330 -22.27 -9.34 -5.33
N LEU B 331 -22.88 -8.35 -4.64
CA LEU B 331 -23.09 -7.05 -5.26
C LEU B 331 -21.76 -6.45 -5.75
N ILE B 332 -20.75 -6.44 -4.88
CA ILE B 332 -19.48 -5.82 -5.25
C ILE B 332 -18.81 -6.59 -6.40
N LEU B 333 -18.87 -7.93 -6.35
CA LEU B 333 -18.28 -8.72 -7.43
C LEU B 333 -18.94 -8.42 -8.76
N ARG B 334 -20.27 -8.20 -8.74
CA ARG B 334 -20.92 -7.69 -9.95
C ARG B 334 -20.42 -6.29 -10.30
N MET B 335 -20.09 -5.48 -9.29
CA MET B 335 -19.61 -4.13 -9.53
C MET B 335 -18.21 -4.12 -10.14
N LEU B 336 -17.33 -4.98 -9.65
CA LEU B 336 -15.93 -5.00 -10.08
C LEU B 336 -15.68 -6.00 -11.19
N ASP B 337 -16.62 -6.13 -12.12
CA ASP B 337 -16.44 -7.02 -13.26
C ASP B 337 -15.43 -6.43 -14.24
N TYR B 338 -14.46 -7.24 -14.65
CA TYR B 338 -13.36 -6.73 -15.51
C TYR B 338 -13.89 -6.31 -16.88
N ASP B 339 -15.05 -6.85 -17.27
CA ASP B 339 -15.57 -6.55 -18.64
C ASP B 339 -16.73 -5.57 -18.54
N PRO B 340 -16.58 -4.36 -19.10
CA PRO B 340 -17.65 -3.39 -19.10
C PRO B 340 -18.98 -4.07 -19.47
N LYS B 341 -19.04 -4.70 -20.63
CA LYS B 341 -20.30 -5.29 -21.14
C LYS B 341 -20.99 -6.14 -20.07
N THR B 342 -20.25 -6.97 -19.34
CA THR B 342 -20.86 -7.87 -18.37
C THR B 342 -20.93 -7.28 -16.97
N ARG B 343 -20.40 -6.08 -16.76
CA ARG B 343 -20.47 -5.43 -15.46
C ARG B 343 -21.90 -4.98 -15.18
N ILE B 344 -22.33 -5.12 -13.93
CA ILE B 344 -23.71 -4.82 -13.57
C ILE B 344 -24.02 -3.36 -13.86
N GLN B 345 -25.26 -3.11 -14.28
CA GLN B 345 -25.76 -1.79 -14.60
C GLN B 345 -26.66 -1.27 -13.47
N PRO B 346 -26.80 0.06 -13.35
CA PRO B 346 -27.53 0.62 -12.20
C PRO B 346 -28.94 0.08 -12.02
N TYR B 347 -29.71 -0.07 -13.11
CA TYR B 347 -31.07 -0.57 -12.98
C TYR B 347 -31.10 -1.99 -12.41
N TYR B 348 -30.11 -2.81 -12.79
CA TYR B 348 -30.06 -4.17 -12.29
C TYR B 348 -29.40 -4.25 -10.92
N ALA B 349 -28.52 -3.30 -10.60
CA ALA B 349 -27.98 -3.22 -9.25
C ALA B 349 -29.04 -2.82 -8.25
N LEU B 350 -30.01 -2.00 -8.66
CA LEU B 350 -31.09 -1.61 -7.76
C LEU B 350 -31.91 -2.83 -7.34
N GLN B 351 -32.25 -3.69 -8.29
CA GLN B 351 -33.03 -4.89 -8.01
C GLN B 351 -32.18 -6.03 -7.45
N HIS B 352 -31.20 -5.73 -6.61
CA HIS B 352 -30.35 -6.72 -5.99
C HIS B 352 -30.88 -7.10 -4.62
N SER B 353 -30.55 -8.31 -4.18
CA SER B 353 -31.07 -8.82 -2.91
C SER B 353 -30.44 -8.14 -1.70
N PHE B 354 -29.27 -7.53 -1.87
CA PHE B 354 -28.70 -6.70 -0.81
C PHE B 354 -29.68 -5.60 -0.41
N PHE B 355 -30.28 -4.95 -1.41
CA PHE B 355 -31.37 -4.00 -1.18
C PHE B 355 -32.70 -4.69 -0.93
N LYS B 356 -32.73 -6.02 -0.91
CA LYS B 356 -33.94 -6.80 -0.72
C LYS B 356 -35.01 -6.44 -1.75
O1 CC9 C . 18.75 -22.71 2.63
C1 CC9 C . 18.28 -21.79 1.98
C2 CC9 C . 16.88 -21.78 1.69
C3 CC9 C . 16.06 -22.80 1.95
C4 CC9 C . 14.92 -23.23 1.16
C10 CC9 C . 13.93 -24.03 1.74
C8 CC9 C . 12.86 -24.45 1.00
O3 CC9 C . 11.84 -25.23 1.48
C9 CC9 C . 11.99 -25.76 2.80
C7 CC9 C . 12.74 -24.09 -0.34
O2 CC9 C . 11.67 -24.51 -1.07
C6 CC9 C . 13.71 -23.30 -0.93
C5 CC9 C . 14.80 -22.88 -0.17
C11 CC9 C . 19.18 -20.71 1.47
C12 CC9 C . 20.36 -20.36 2.28
O4 CC9 C . 20.61 -20.96 3.31
C13 CC9 C . 21.13 -19.31 1.79
C14 CC9 C . 21.63 -18.35 2.56
C15 CC9 C . 22.31 -17.13 2.13
C16 CC9 C . 21.90 -16.46 0.97
C17 CC9 C . 22.54 -15.31 0.57
O5 CC9 C . 22.22 -14.59 -0.55
C18 CC9 C . 20.92 -14.76 -1.08
C19 CC9 C . 23.62 -14.82 1.31
O6 CC9 C . 24.25 -13.69 0.88
C20 CC9 C . 24.03 -15.47 2.45
C21 CC9 C . 23.38 -16.63 2.85
O1 PG4 D . 14.66 -26.94 -1.05
C1 PG4 D . 14.05 -27.77 -0.08
C2 PG4 D . 15.00 -28.10 1.04
O2 PG4 D . 15.78 -29.22 0.69
C3 PG4 D . 15.83 -30.20 1.71
C4 PG4 D . 16.26 -31.52 1.14
O3 PG4 D . 15.37 -31.90 0.10
C5 PG4 D . 15.81 -33.19 -0.35
C6 PG4 D . 14.99 -33.60 -1.53
O4 PG4 D . 15.28 -32.78 -2.64
C7 PG4 D . 15.42 -33.63 -3.77
C8 PG4 D . 14.56 -33.13 -4.90
O5 PG4 D . 14.71 -34.00 -6.01
O1 CC9 E . -21.51 21.84 -2.97
C1 CC9 E . -20.34 21.52 -2.83
C2 CC9 E . -19.64 20.96 -3.95
C3 CC9 E . -20.18 20.84 -5.16
C4 CC9 E . -19.48 20.72 -6.43
C10 CC9 E . -18.09 20.87 -6.50
C8 CC9 E . -17.42 20.76 -7.69
O3 CC9 E . -16.07 20.88 -7.87
C9 CC9 E . -15.24 20.43 -6.81
C7 CC9 E . -18.15 20.51 -8.86
O2 CC9 E . -17.48 20.39 -10.04
C6 CC9 E . -19.52 20.36 -8.82
C5 CC9 E . -20.17 20.47 -7.60
C11 CC9 E . -19.69 21.72 -1.49
C12 CC9 E . -20.53 21.45 -0.27
O4 CC9 E . -21.75 21.52 -0.37
C13 CC9 E . -19.96 21.12 1.00
C14 CC9 E . -18.83 21.64 1.45
C15 CC9 E . -18.33 21.61 2.82
C16 CC9 E . -16.96 21.72 3.08
C17 CC9 E . -16.49 21.69 4.37
O5 CC9 E . -15.17 21.79 4.73
C18 CC9 E . -14.21 21.42 3.76
C19 CC9 E . -17.38 21.54 5.44
O6 CC9 E . -16.91 21.51 6.72
C20 CC9 E . -18.74 21.43 5.19
C21 CC9 E . -19.20 21.46 3.89
#